data_2AR0
#
_entry.id   2AR0
#
_cell.length_a   105.427
_cell.length_b   105.427
_cell.length_c   138.279
_cell.angle_alpha   90.00
_cell.angle_beta   90.00
_cell.angle_gamma   90.00
#
_symmetry.space_group_name_H-M   'P 41'
#
loop_
_entity.id
_entity.type
_entity.pdbx_description
1 polymer 'Type I restriction enzyme EcoKI M protein'
2 non-polymer 'UNKNOWN ATOM OR ION'
3 water water
#
_entity_poly.entity_id   1
_entity_poly.type   'polypeptide(L)'
_entity_poly.pdbx_seq_one_letter_code
;(MSE)SLNNNDLVAKLWKLCDNLRDGGVSYQNYVNELASLLFLK(MSE)CKETGQEAEYLPEGYRWDDLKSRIGQEQLQF
YRK(MSE)LVHLGEDDKKLVQAVFHNVSTTITEPKQITALVSN(MSE)DSLDWYNGAHGKSRDDFGD(MSE)YEGLLQKN
ANETKSGAGQYFTPRPLIKTIIHLLKPQPREVVQDPAAGTAGFLIEADRYVKSQTNDLDDLDGDTQDFQIHRAFIGLELV
PGTRRLAL(MSE)NCLLHDIEGNLDHGGAIRLGNTLGSDGENLPKAHIVATNPPFGSAAGTNITRTFVHPTSNKQLCF
(MSE)QHIIETLHPGGRAAVVVPDNVLFEGGKGTDIRRDL(MSE)DKCHLHTILRLPTGIFYAQGVKTNVLFFTKGTVAN
PNQDKNCTDDVWVYDLRTN(MSE)PSFGKRTPFTDEHLQPFERVYGEDPHGLSPRTEGEWSFNAEETEVADSEENKNTDQ
HLATSRWRKFSREWIRTAKSDSLDISWLKDKDSIDADSLPEPDVLAAEA(MSE)GELVQALSELDAL(MSE)RELGASDE
ADLQRQLLEEAFGGVKEEGGSHHHHHH
;
_entity_poly.pdbx_strand_id   A,B
#
# COMPACT_ATOMS: atom_id res chain seq x y z
N ASN A 6 -51.88 18.29 -25.90
CA ASN A 6 -51.01 19.12 -26.79
C ASN A 6 -49.56 18.62 -26.71
N ASP A 7 -48.65 19.53 -26.34
CA ASP A 7 -47.22 19.23 -26.22
C ASP A 7 -46.98 18.18 -25.14
N LEU A 8 -47.76 18.26 -24.06
CA LEU A 8 -47.65 17.32 -22.95
C LEU A 8 -48.22 15.97 -23.37
N VAL A 9 -49.37 16.00 -24.03
CA VAL A 9 -50.02 14.79 -24.49
C VAL A 9 -49.18 14.07 -25.53
N ALA A 10 -48.52 14.83 -26.39
CA ALA A 10 -47.67 14.24 -27.40
C ALA A 10 -46.44 13.63 -26.74
N LYS A 11 -45.98 14.27 -25.67
CA LYS A 11 -44.80 13.83 -24.92
C LYS A 11 -45.10 12.55 -24.13
N LEU A 12 -46.33 12.43 -23.65
CA LEU A 12 -46.76 11.26 -22.92
C LEU A 12 -46.95 10.12 -23.91
N TRP A 13 -47.42 10.46 -25.10
CA TRP A 13 -47.64 9.48 -26.15
C TRP A 13 -46.35 8.76 -26.54
N LYS A 14 -45.28 9.51 -26.73
CA LYS A 14 -43.99 8.93 -27.11
C LYS A 14 -43.52 7.88 -26.13
N LEU A 15 -43.81 8.09 -24.86
CA LEU A 15 -43.42 7.13 -23.84
C LEU A 15 -44.19 5.83 -24.03
N CYS A 16 -45.46 5.93 -24.43
CA CYS A 16 -46.28 4.73 -24.63
C CYS A 16 -45.70 3.81 -25.70
N ASP A 17 -44.70 4.31 -26.42
CA ASP A 17 -44.06 3.52 -27.45
C ASP A 17 -43.28 2.39 -26.76
N ASN A 18 -42.81 2.68 -25.55
CA ASN A 18 -42.06 1.69 -24.78
C ASN A 18 -43.02 0.65 -24.25
N LEU A 19 -44.19 1.12 -23.84
CA LEU A 19 -45.23 0.26 -23.30
C LEU A 19 -45.75 -0.66 -24.39
N ARG A 20 -45.93 -0.09 -25.58
CA ARG A 20 -46.41 -0.84 -26.73
C ARG A 20 -45.44 -1.98 -27.02
N ASP A 21 -44.18 -1.63 -27.14
CA ASP A 21 -43.14 -2.61 -27.43
C ASP A 21 -42.68 -3.31 -26.15
N GLY A 22 -43.43 -3.16 -25.07
CA GLY A 22 -43.06 -3.80 -23.83
C GLY A 22 -44.07 -4.88 -23.44
N GLY A 23 -45.13 -4.98 -24.24
CA GLY A 23 -46.17 -5.96 -23.99
C GLY A 23 -47.47 -5.32 -23.53
N VAL A 24 -47.42 -4.02 -23.25
CA VAL A 24 -48.61 -3.33 -22.78
C VAL A 24 -49.58 -2.99 -23.90
N SER A 25 -50.87 -3.15 -23.61
CA SER A 25 -51.92 -2.86 -24.57
C SER A 25 -52.24 -1.37 -24.60
N TYR A 26 -52.91 -0.92 -25.64
CA TYR A 26 -53.27 0.49 -25.78
C TYR A 26 -54.29 0.90 -24.71
N GLN A 27 -54.94 -0.10 -24.12
CA GLN A 27 -55.95 0.16 -23.10
C GLN A 27 -55.32 0.46 -21.74
N ASN A 28 -54.13 -0.09 -21.49
CA ASN A 28 -53.49 0.14 -20.20
C ASN A 28 -52.37 1.17 -20.18
N TYR A 29 -52.17 1.83 -21.31
CA TYR A 29 -51.13 2.84 -21.40
C TYR A 29 -51.19 3.82 -20.23
N VAL A 30 -52.30 4.53 -20.13
CA VAL A 30 -52.50 5.51 -19.07
C VAL A 30 -52.23 4.94 -17.69
N ASN A 31 -52.77 3.76 -17.40
CA ASN A 31 -52.59 3.11 -16.10
C ASN A 31 -51.13 2.92 -15.77
N GLU A 32 -50.38 2.43 -16.76
CA GLU A 32 -48.94 2.19 -16.59
C GLU A 32 -48.21 3.50 -16.32
N LEU A 33 -48.53 4.52 -17.09
CA LEU A 33 -47.93 5.84 -16.97
C LEU A 33 -48.27 6.54 -15.66
N ALA A 34 -49.53 6.50 -15.28
CA ALA A 34 -50.00 7.15 -14.06
C ALA A 34 -49.20 6.68 -12.85
N SER A 35 -49.01 5.37 -12.75
CA SER A 35 -48.26 4.78 -11.65
C SER A 35 -46.87 5.39 -11.57
N LEU A 36 -46.10 5.21 -12.64
CA LEU A 36 -44.75 5.72 -12.69
C LEU A 36 -44.70 7.21 -12.45
N LEU A 37 -45.58 7.96 -13.12
CA LEU A 37 -45.58 9.41 -12.95
C LEU A 37 -45.81 9.82 -11.52
N PHE A 38 -46.70 9.11 -10.84
CA PHE A 38 -47.03 9.41 -9.45
C PHE A 38 -45.80 9.27 -8.56
N LEU A 39 -45.12 8.13 -8.67
CA LEU A 39 -43.92 7.87 -7.89
C LEU A 39 -42.86 8.95 -8.16
N LYS A 40 -42.71 9.30 -9.44
CA LYS A 40 -41.76 10.30 -9.90
C LYS A 40 -42.12 11.68 -9.32
N CYS A 42 -43.90 12.24 -6.57
CA CYS A 42 -43.73 12.26 -5.14
C CYS A 42 -42.31 12.62 -4.79
N LYS A 43 -41.37 12.15 -5.60
CA LYS A 43 -40.00 12.47 -5.31
C LYS A 43 -39.83 13.98 -5.58
N GLU A 44 -40.25 14.43 -6.77
CA GLU A 44 -40.13 15.84 -7.15
C GLU A 44 -40.74 16.79 -6.15
N THR A 45 -41.68 16.26 -5.37
CA THR A 45 -42.35 17.04 -4.36
C THR A 45 -41.37 17.40 -3.26
N GLY A 46 -40.41 16.51 -3.02
CA GLY A 46 -39.41 16.76 -1.99
C GLY A 46 -39.82 16.27 -0.60
N GLN A 47 -40.90 15.51 -0.55
CA GLN A 47 -41.40 14.97 0.72
C GLN A 47 -41.94 13.57 0.52
N GLU A 48 -41.37 12.83 -0.42
CA GLU A 48 -41.82 11.46 -0.70
C GLU A 48 -41.82 10.63 0.57
N ALA A 49 -41.08 11.10 1.56
CA ALA A 49 -40.99 10.40 2.84
C ALA A 49 -42.35 10.38 3.56
N GLU A 50 -43.22 11.31 3.18
CA GLU A 50 -44.54 11.41 3.78
C GLU A 50 -45.59 10.60 3.05
N TYR A 51 -45.37 10.36 1.76
CA TYR A 51 -46.31 9.62 0.93
C TYR A 51 -45.98 8.13 0.76
N LEU A 52 -44.75 7.83 0.34
CA LEU A 52 -44.32 6.46 0.12
C LEU A 52 -43.43 5.91 1.21
N PRO A 53 -43.53 4.59 1.46
CA PRO A 53 -42.75 3.92 2.49
C PRO A 53 -41.31 3.75 2.07
N GLU A 54 -40.40 3.80 3.03
CA GLU A 54 -38.98 3.64 2.75
C GLU A 54 -38.74 2.30 2.03
N GLY A 55 -37.77 2.28 1.12
CA GLY A 55 -37.46 1.05 0.40
C GLY A 55 -38.26 0.89 -0.87
N TYR A 56 -39.32 1.66 -1.01
CA TYR A 56 -40.18 1.60 -2.19
C TYR A 56 -40.48 2.99 -2.73
N ARG A 57 -39.45 3.70 -3.15
CA ARG A 57 -39.63 5.03 -3.70
C ARG A 57 -39.02 5.13 -5.08
N TRP A 58 -39.19 6.28 -5.72
CA TRP A 58 -38.69 6.48 -7.08
C TRP A 58 -37.24 6.04 -7.27
N ASP A 59 -36.35 6.42 -6.36
CA ASP A 59 -34.95 6.03 -6.51
C ASP A 59 -34.76 4.50 -6.48
N ASP A 60 -35.54 3.81 -5.67
CA ASP A 60 -35.44 2.36 -5.56
C ASP A 60 -35.83 1.65 -6.86
N LEU A 61 -36.70 2.26 -7.64
CA LEU A 61 -37.14 1.68 -8.90
C LEU A 61 -36.25 2.17 -10.05
N LYS A 62 -36.07 3.49 -10.10
CA LYS A 62 -35.27 4.17 -11.10
C LYS A 62 -33.81 3.71 -11.16
N SER A 63 -33.23 3.36 -10.02
CA SER A 63 -31.83 2.95 -9.97
C SER A 63 -31.58 1.55 -10.48
N ARG A 64 -32.59 0.69 -10.34
CA ARG A 64 -32.48 -0.70 -10.77
C ARG A 64 -32.52 -0.82 -12.28
N ILE A 65 -32.23 -2.01 -12.82
CA ILE A 65 -32.23 -2.21 -14.27
C ILE A 65 -32.57 -3.65 -14.64
N GLY A 66 -33.12 -3.82 -15.84
CA GLY A 66 -33.45 -5.15 -16.33
C GLY A 66 -34.48 -5.92 -15.52
N GLN A 67 -34.37 -7.24 -15.55
CA GLN A 67 -35.30 -8.09 -14.82
C GLN A 67 -35.31 -7.78 -13.35
N GLU A 68 -34.15 -7.43 -12.82
CA GLU A 68 -34.03 -7.10 -11.41
C GLU A 68 -34.97 -5.92 -11.11
N GLN A 69 -35.19 -5.08 -12.12
CA GLN A 69 -36.05 -3.91 -12.04
C GLN A 69 -37.54 -4.21 -12.22
N LEU A 70 -37.86 -5.07 -13.19
CA LEU A 70 -39.24 -5.45 -13.47
C LEU A 70 -39.81 -6.20 -12.28
N GLN A 71 -39.01 -7.08 -11.70
CA GLN A 71 -39.47 -7.83 -10.54
C GLN A 71 -39.62 -6.90 -9.36
N PHE A 72 -38.77 -5.90 -9.25
CA PHE A 72 -38.89 -5.00 -8.12
C PHE A 72 -40.16 -4.20 -8.29
N TYR A 73 -40.44 -3.83 -9.53
CA TYR A 73 -41.64 -3.05 -9.81
C TYR A 73 -42.89 -3.82 -9.40
N ARG A 74 -42.92 -5.11 -9.72
CA ARG A 74 -44.04 -5.96 -9.37
C ARG A 74 -44.20 -6.05 -7.85
N LYS A 75 -43.07 -6.23 -7.18
CA LYS A 75 -43.05 -6.32 -5.72
C LYS A 75 -43.49 -5.00 -5.11
N LEU A 77 -45.49 -2.72 -6.59
CA LEU A 77 -46.91 -2.51 -6.86
C LEU A 77 -47.74 -3.24 -5.82
N VAL A 78 -47.25 -4.40 -5.40
CA VAL A 78 -47.97 -5.19 -4.43
C VAL A 78 -47.85 -4.60 -3.04
N HIS A 79 -46.66 -4.18 -2.69
CA HIS A 79 -46.45 -3.62 -1.37
C HIS A 79 -47.24 -2.34 -1.15
N LEU A 80 -47.38 -1.52 -2.19
CA LEU A 80 -48.10 -0.27 -2.06
C LEU A 80 -49.59 -0.46 -2.00
N GLY A 81 -50.09 -1.44 -2.74
CA GLY A 81 -51.52 -1.69 -2.77
C GLY A 81 -52.05 -2.47 -1.58
N GLU A 82 -51.22 -2.65 -0.56
CA GLU A 82 -51.65 -3.39 0.62
C GLU A 82 -51.02 -2.89 1.91
N ASP A 83 -51.75 -2.03 2.63
CA ASP A 83 -51.28 -1.49 3.89
C ASP A 83 -52.33 -0.58 4.51
N ASP A 84 -52.10 -0.17 5.75
CA ASP A 84 -53.05 0.69 6.46
C ASP A 84 -53.05 2.13 5.95
N LYS A 85 -51.95 2.53 5.30
CA LYS A 85 -51.79 3.87 4.75
C LYS A 85 -52.69 4.01 3.54
N LYS A 86 -53.90 3.50 3.70
CA LYS A 86 -54.91 3.49 2.66
C LYS A 86 -54.87 4.71 1.73
N LEU A 87 -54.25 5.80 2.17
CA LEU A 87 -54.20 6.99 1.32
C LEU A 87 -53.56 6.61 -0.01
N VAL A 88 -52.32 6.18 0.06
CA VAL A 88 -51.60 5.79 -1.14
C VAL A 88 -52.16 4.47 -1.64
N GLN A 89 -52.52 3.59 -0.70
CA GLN A 89 -53.06 2.29 -1.04
C GLN A 89 -54.23 2.38 -2.03
N ALA A 90 -55.06 3.40 -1.87
CA ALA A 90 -56.21 3.59 -2.74
C ALA A 90 -55.79 3.85 -4.18
N VAL A 91 -54.53 4.20 -4.39
CA VAL A 91 -54.04 4.49 -5.73
C VAL A 91 -53.37 3.28 -6.40
N PHE A 92 -52.97 2.30 -5.60
CA PHE A 92 -52.30 1.10 -6.11
C PHE A 92 -53.03 -0.20 -5.79
N HIS A 93 -54.29 -0.07 -5.36
CA HIS A 93 -55.11 -1.22 -5.03
C HIS A 93 -55.53 -1.93 -6.30
N ASN A 94 -55.26 -3.24 -6.35
CA ASN A 94 -55.58 -4.06 -7.53
C ASN A 94 -54.86 -3.56 -8.76
N VAL A 95 -53.75 -2.86 -8.55
CA VAL A 95 -52.97 -2.32 -9.66
C VAL A 95 -51.82 -3.26 -9.97
N SER A 96 -51.60 -3.51 -11.26
CA SER A 96 -50.49 -4.37 -11.67
C SER A 96 -50.02 -3.97 -13.06
N THR A 97 -48.73 -4.13 -13.32
CA THR A 97 -48.20 -3.76 -14.63
C THR A 97 -48.34 -4.87 -15.65
N THR A 98 -48.44 -4.49 -16.91
CA THR A 98 -48.58 -5.48 -17.97
C THR A 98 -47.32 -5.51 -18.82
N ILE A 99 -46.22 -5.07 -18.24
CA ILE A 99 -44.94 -5.06 -18.93
C ILE A 99 -44.26 -6.41 -18.79
N THR A 100 -43.73 -6.91 -19.89
CA THR A 100 -43.05 -8.21 -19.88
C THR A 100 -41.62 -8.10 -20.37
N GLU A 101 -41.35 -7.15 -21.26
CA GLU A 101 -40.00 -6.95 -21.78
C GLU A 101 -39.15 -6.12 -20.82
N PRO A 102 -38.21 -6.75 -20.10
CA PRO A 102 -37.34 -6.07 -19.14
C PRO A 102 -36.56 -4.89 -19.71
N LYS A 103 -36.21 -4.95 -21.00
CA LYS A 103 -35.46 -3.85 -21.58
C LYS A 103 -36.37 -2.63 -21.74
N GLN A 104 -37.67 -2.87 -21.89
CA GLN A 104 -38.67 -1.82 -22.09
C GLN A 104 -38.97 -0.99 -20.85
N ILE A 105 -39.01 -1.61 -19.69
CA ILE A 105 -39.28 -0.88 -18.47
C ILE A 105 -38.09 0.02 -18.17
N THR A 106 -36.89 -0.52 -18.32
CA THR A 106 -35.69 0.25 -18.07
C THR A 106 -35.67 1.47 -18.98
N ALA A 107 -36.14 1.29 -20.21
CA ALA A 107 -36.19 2.37 -21.19
C ALA A 107 -37.28 3.39 -20.86
N LEU A 108 -38.31 2.93 -20.18
CA LEU A 108 -39.44 3.79 -19.84
C LEU A 108 -39.13 4.66 -18.63
N VAL A 109 -38.75 4.02 -17.53
CA VAL A 109 -38.45 4.72 -16.31
C VAL A 109 -37.41 5.80 -16.52
N SER A 110 -36.35 5.50 -17.25
CA SER A 110 -35.32 6.48 -17.50
C SER A 110 -35.78 7.56 -18.46
N ASN A 111 -36.68 7.18 -19.36
CA ASN A 111 -37.19 8.13 -20.32
C ASN A 111 -37.91 9.26 -19.62
N ASP A 113 -37.89 9.84 -16.47
CA ASP A 113 -37.12 10.35 -15.37
C ASP A 113 -36.48 11.65 -15.85
N SER A 114 -36.15 11.69 -17.13
CA SER A 114 -35.55 12.89 -17.69
C SER A 114 -36.57 13.76 -18.42
N LEU A 115 -37.84 13.66 -18.02
CA LEU A 115 -38.89 14.47 -18.64
C LEU A 115 -39.02 15.78 -17.86
N ASP A 116 -39.71 16.74 -18.45
CA ASP A 116 -39.92 18.05 -17.82
C ASP A 116 -41.33 18.15 -17.23
N TRP A 117 -41.60 19.22 -16.48
CA TRP A 117 -42.91 19.43 -15.86
C TRP A 117 -44.06 19.27 -16.86
N GLN A 150 -20.76 16.85 -24.49
CA GLN A 150 -20.25 17.95 -23.66
C GLN A 150 -18.87 17.64 -23.08
N TYR A 151 -18.04 16.96 -23.87
CA TYR A 151 -16.68 16.56 -23.48
C TYR A 151 -15.71 17.73 -23.32
N PHE A 152 -15.97 18.56 -22.31
CA PHE A 152 -15.12 19.70 -21.99
C PHE A 152 -14.85 19.64 -20.49
N THR A 153 -13.61 19.83 -20.09
CA THR A 153 -13.28 19.80 -18.69
C THR A 153 -12.32 20.96 -18.42
N PRO A 154 -12.64 21.81 -17.45
CA PRO A 154 -11.76 22.94 -17.14
C PRO A 154 -10.28 22.52 -17.07
N ARG A 155 -9.48 23.10 -17.95
CA ARG A 155 -8.04 22.83 -18.03
C ARG A 155 -7.43 22.85 -16.63
N PRO A 156 -7.66 23.92 -15.87
CA PRO A 156 -7.07 23.94 -14.53
C PRO A 156 -7.46 22.75 -13.62
N LEU A 157 -8.58 22.10 -13.95
CA LEU A 157 -9.07 20.96 -13.19
C LEU A 157 -8.24 19.75 -13.60
N ILE A 158 -8.02 19.62 -14.91
CA ILE A 158 -7.22 18.52 -15.40
C ILE A 158 -5.83 18.63 -14.81
N LYS A 159 -5.18 19.77 -15.01
CA LYS A 159 -3.86 19.95 -14.47
C LYS A 159 -3.82 19.53 -13.00
N THR A 160 -4.75 20.07 -12.20
CA THR A 160 -4.81 19.77 -10.77
C THR A 160 -5.02 18.30 -10.45
N ILE A 161 -5.90 17.65 -11.19
CA ILE A 161 -6.15 16.26 -10.96
C ILE A 161 -4.87 15.46 -11.21
N ILE A 162 -4.19 15.69 -12.33
CA ILE A 162 -2.96 14.94 -12.59
C ILE A 162 -1.84 15.28 -11.62
N HIS A 163 -1.83 16.53 -11.16
CA HIS A 163 -0.82 17.00 -10.23
C HIS A 163 -0.95 16.28 -8.89
N LEU A 164 -2.19 15.99 -8.47
CA LEU A 164 -2.41 15.31 -7.20
C LEU A 164 -2.27 13.79 -7.33
N LEU A 165 -2.37 13.26 -8.55
CA LEU A 165 -2.24 11.82 -8.75
C LEU A 165 -0.77 11.50 -8.92
N LYS A 166 0.00 12.47 -9.41
CA LYS A 166 1.44 12.31 -9.64
C LYS A 166 1.80 10.99 -10.34
N PRO A 167 1.35 10.82 -11.59
CA PRO A 167 1.66 9.57 -12.28
C PRO A 167 3.18 9.38 -12.52
N GLN A 168 3.67 8.18 -12.22
CA GLN A 168 5.08 7.87 -12.40
C GLN A 168 5.28 7.01 -13.63
N PRO A 169 6.50 7.00 -14.20
CA PRO A 169 6.64 6.13 -15.38
C PRO A 169 6.41 4.69 -14.98
N ARG A 170 6.06 3.86 -15.96
CA ARG A 170 5.78 2.43 -15.75
C ARG A 170 4.39 2.19 -15.15
N GLU A 171 3.67 3.28 -14.86
CA GLU A 171 2.32 3.19 -14.34
C GLU A 171 1.37 3.38 -15.53
N VAL A 172 0.40 2.48 -15.62
CA VAL A 172 -0.60 2.51 -16.67
C VAL A 172 -1.74 3.41 -16.23
N VAL A 173 -1.95 4.49 -16.98
CA VAL A 173 -3.01 5.46 -16.69
C VAL A 173 -4.17 5.23 -17.65
N GLN A 174 -5.35 4.94 -17.11
CA GLN A 174 -6.50 4.69 -17.96
C GLN A 174 -7.56 5.80 -17.91
N ASP A 175 -8.32 5.93 -19.00
CA ASP A 175 -9.42 6.89 -19.08
C ASP A 175 -10.61 6.25 -19.80
N PRO A 176 -11.58 5.70 -19.02
CA PRO A 176 -12.79 5.04 -19.53
C PRO A 176 -13.60 5.92 -20.45
N ALA A 177 -13.52 7.23 -20.22
CA ALA A 177 -14.25 8.19 -21.02
C ALA A 177 -13.28 9.20 -21.59
N ALA A 178 -12.29 8.68 -22.32
CA ALA A 178 -11.24 9.47 -22.93
C ALA A 178 -11.66 10.82 -23.48
N GLY A 179 -12.71 10.83 -24.30
CA GLY A 179 -13.15 12.07 -24.91
C GLY A 179 -12.07 12.43 -25.90
N THR A 180 -11.47 13.61 -25.75
CA THR A 180 -10.39 14.00 -26.65
C THR A 180 -9.04 13.72 -26.02
N ALA A 181 -9.00 12.79 -25.08
CA ALA A 181 -7.77 12.39 -24.40
C ALA A 181 -7.13 13.50 -23.55
N GLY A 182 -7.96 14.38 -23.00
CA GLY A 182 -7.43 15.46 -22.19
C GLY A 182 -6.62 15.02 -20.98
N PHE A 183 -7.11 14.04 -20.22
CA PHE A 183 -6.39 13.59 -19.03
C PHE A 183 -5.13 12.83 -19.35
N LEU A 184 -5.19 12.01 -20.40
CA LEU A 184 -4.04 11.24 -20.78
C LEU A 184 -2.91 12.14 -21.26
N ILE A 185 -3.25 13.12 -22.10
CA ILE A 185 -2.23 14.01 -22.61
C ILE A 185 -1.55 14.70 -21.44
N GLU A 186 -2.34 15.18 -20.48
CA GLU A 186 -1.79 15.86 -19.32
C GLU A 186 -0.98 14.93 -18.45
N ALA A 187 -1.40 13.68 -18.33
CA ALA A 187 -0.67 12.75 -17.50
C ALA A 187 0.68 12.50 -18.15
N ASP A 188 0.68 12.42 -19.47
CA ASP A 188 1.91 12.19 -20.19
C ASP A 188 2.82 13.41 -20.04
N ARG A 189 2.23 14.61 -20.12
CA ARG A 189 3.00 15.85 -20.00
C ARG A 189 3.69 15.91 -18.63
N TYR A 190 2.96 15.52 -17.60
CA TYR A 190 3.49 15.52 -16.25
C TYR A 190 4.65 14.53 -16.17
N VAL A 191 4.48 13.33 -16.71
CA VAL A 191 5.57 12.36 -16.64
C VAL A 191 6.79 12.87 -17.38
N LYS A 192 6.59 13.48 -18.54
CA LYS A 192 7.73 14.01 -19.27
C LYS A 192 8.42 15.15 -18.52
N SER A 193 7.66 15.93 -17.77
CA SER A 193 8.23 17.04 -17.06
C SER A 193 9.06 16.60 -15.85
N GLN A 194 9.06 15.30 -15.58
CA GLN A 194 9.81 14.79 -14.43
C GLN A 194 10.89 13.84 -14.87
N THR A 195 11.06 13.70 -16.18
CA THR A 195 12.06 12.79 -16.71
C THR A 195 12.78 13.36 -17.93
N ASN A 196 12.82 14.68 -18.05
CA ASN A 196 13.47 15.28 -19.21
C ASN A 196 12.93 14.67 -20.50
N ASP A 197 11.62 14.69 -20.67
CA ASP A 197 10.99 14.15 -21.86
C ASP A 197 11.39 12.71 -22.14
N LEU A 198 11.39 11.91 -21.08
CA LEU A 198 11.71 10.50 -21.17
C LEU A 198 13.19 10.18 -21.29
N ASP A 199 14.01 11.22 -21.41
CA ASP A 199 15.45 11.03 -21.57
C ASP A 199 16.15 10.49 -20.32
N ASP A 200 15.50 10.55 -19.18
CA ASP A 200 16.10 10.05 -17.94
C ASP A 200 15.83 8.56 -17.81
N LEU A 201 15.04 8.03 -18.72
CA LEU A 201 14.65 6.64 -18.67
C LEU A 201 15.30 5.80 -19.75
N ASP A 202 15.47 4.51 -19.47
CA ASP A 202 16.06 3.62 -20.46
C ASP A 202 15.09 3.38 -21.59
N GLY A 203 15.64 3.19 -22.78
CA GLY A 203 14.84 2.97 -23.96
C GLY A 203 13.62 2.09 -23.76
N ASP A 204 13.76 1.01 -22.99
CA ASP A 204 12.62 0.12 -22.79
C ASP A 204 11.47 0.77 -22.04
N THR A 205 11.80 1.58 -21.05
CA THR A 205 10.78 2.27 -20.30
C THR A 205 10.15 3.33 -21.18
N GLN A 206 10.96 3.88 -22.09
CA GLN A 206 10.47 4.90 -23.00
C GLN A 206 9.44 4.29 -23.91
N ASP A 207 9.71 3.05 -24.34
CA ASP A 207 8.78 2.36 -25.20
C ASP A 207 7.48 2.08 -24.47
N PHE A 208 7.59 1.81 -23.17
CA PHE A 208 6.43 1.54 -22.34
C PHE A 208 5.54 2.77 -22.29
N GLN A 209 6.16 3.91 -22.01
CA GLN A 209 5.47 5.17 -21.93
C GLN A 209 4.84 5.57 -23.27
N ILE A 210 5.45 5.13 -24.35
CA ILE A 210 4.96 5.46 -25.66
C ILE A 210 3.85 4.56 -26.13
N HIS A 211 3.94 3.28 -25.78
CA HIS A 211 2.96 2.29 -26.21
C HIS A 211 2.06 1.67 -25.18
N ARG A 212 2.43 1.70 -23.91
CA ARG A 212 1.59 1.03 -22.93
C ARG A 212 1.15 1.84 -21.71
N ALA A 213 1.80 2.96 -21.47
CA ALA A 213 1.49 3.77 -20.30
C ALA A 213 0.11 4.36 -20.27
N PHE A 214 -0.41 4.77 -21.44
CA PHE A 214 -1.72 5.40 -21.47
C PHE A 214 -2.73 4.70 -22.35
N ILE A 215 -3.93 4.54 -21.80
CA ILE A 215 -4.98 3.88 -22.52
C ILE A 215 -6.29 4.61 -22.31
N GLY A 216 -7.07 4.69 -23.38
CA GLY A 216 -8.36 5.35 -23.32
C GLY A 216 -9.40 4.54 -24.06
N LEU A 217 -10.65 4.91 -23.90
CA LEU A 217 -11.76 4.25 -24.55
C LEU A 217 -12.82 5.32 -24.81
N GLU A 218 -13.23 5.47 -26.08
CA GLU A 218 -14.24 6.46 -26.47
C GLU A 218 -15.33 5.80 -27.29
N LEU A 219 -16.59 6.12 -26.97
CA LEU A 219 -17.74 5.54 -27.66
C LEU A 219 -17.96 6.13 -29.04
N VAL A 220 -17.96 7.46 -29.10
CA VAL A 220 -18.20 8.17 -30.34
C VAL A 220 -17.00 8.18 -31.27
N PRO A 221 -17.07 7.41 -32.36
CA PRO A 221 -15.97 7.34 -33.32
C PRO A 221 -15.43 8.69 -33.78
N GLY A 222 -16.33 9.66 -33.93
CA GLY A 222 -15.91 10.98 -34.37
C GLY A 222 -14.97 11.58 -33.34
N THR A 223 -15.36 11.49 -32.08
CA THR A 223 -14.54 12.03 -31.01
C THR A 223 -13.25 11.24 -30.87
N ARG A 224 -13.35 9.92 -30.94
CA ARG A 224 -12.15 9.08 -30.80
C ARG A 224 -11.11 9.46 -31.85
N ARG A 225 -11.56 9.87 -33.04
CA ARG A 225 -10.66 10.27 -34.11
C ARG A 225 -9.88 11.50 -33.67
N LEU A 226 -10.60 12.52 -33.25
CA LEU A 226 -9.95 13.72 -32.77
C LEU A 226 -8.97 13.36 -31.67
N ALA A 227 -9.38 12.46 -30.77
CA ALA A 227 -8.52 12.04 -29.64
C ALA A 227 -7.25 11.34 -30.12
N LEU A 228 -7.40 10.54 -31.18
CA LEU A 228 -6.31 9.80 -31.77
C LEU A 228 -5.29 10.74 -32.37
N ASN A 230 -4.84 13.74 -31.40
CA ASN A 230 -4.29 14.45 -30.27
C ASN A 230 -3.08 13.72 -29.69
N CYS A 231 -3.22 12.42 -29.43
CA CYS A 231 -2.12 11.62 -28.86
C CYS A 231 -0.97 11.50 -29.82
N LEU A 232 -1.32 11.28 -31.08
CA LEU A 232 -0.36 11.12 -32.15
C LEU A 232 0.61 12.30 -32.22
N LEU A 233 0.09 13.52 -32.21
CA LEU A 233 0.94 14.70 -32.26
C LEU A 233 1.59 14.93 -30.89
N HIS A 234 1.27 14.10 -29.92
CA HIS A 234 1.86 14.25 -28.60
C HIS A 234 2.80 13.08 -28.37
N ASP A 235 3.02 12.33 -29.43
CA ASP A 235 3.91 11.19 -29.43
C ASP A 235 3.46 10.03 -28.58
N ILE A 236 2.15 9.84 -28.51
CA ILE A 236 1.55 8.74 -27.74
C ILE A 236 0.99 7.77 -28.76
N GLU A 237 1.75 6.72 -29.04
CA GLU A 237 1.34 5.73 -30.04
C GLU A 237 0.42 4.62 -29.55
N GLY A 238 0.55 4.23 -28.30
CA GLY A 238 -0.34 3.19 -27.83
C GLY A 238 -0.19 1.87 -28.57
N ASN A 239 -1.27 1.11 -28.63
CA ASN A 239 -1.27 -0.20 -29.27
C ASN A 239 -1.86 -0.22 -30.68
N LEU A 240 -1.03 -0.54 -31.66
CA LEU A 240 -1.46 -0.59 -33.06
C LEU A 240 -2.59 -1.54 -33.33
N ASP A 241 -2.74 -2.55 -32.50
CA ASP A 241 -3.80 -3.52 -32.69
C ASP A 241 -5.17 -2.89 -32.52
N HIS A 242 -5.22 -1.81 -31.75
CA HIS A 242 -6.48 -1.14 -31.50
C HIS A 242 -6.57 0.23 -32.11
N GLY A 243 -5.61 0.55 -32.97
CA GLY A 243 -5.60 1.84 -33.62
C GLY A 243 -4.76 2.88 -32.92
N GLY A 244 -4.38 2.64 -31.67
CA GLY A 244 -3.57 3.61 -30.95
C GLY A 244 -3.88 3.67 -29.48
N ALA A 245 -3.55 4.78 -28.84
CA ALA A 245 -3.81 4.90 -27.41
C ALA A 245 -5.30 4.88 -27.04
N ILE A 246 -6.15 5.52 -27.84
CA ILE A 246 -7.56 5.52 -27.54
C ILE A 246 -8.27 4.44 -28.34
N ARG A 247 -8.89 3.51 -27.64
CA ARG A 247 -9.62 2.45 -28.30
C ARG A 247 -11.07 2.90 -28.51
N LEU A 248 -11.70 2.37 -29.54
CA LEU A 248 -13.07 2.69 -29.89
C LEU A 248 -14.02 1.63 -29.35
N GLY A 249 -14.96 2.04 -28.51
CA GLY A 249 -15.92 1.12 -27.93
C GLY A 249 -16.70 1.62 -26.72
N ASN A 250 -17.52 0.74 -26.18
CA ASN A 250 -18.38 1.04 -25.04
C ASN A 250 -17.84 0.53 -23.69
N THR A 251 -17.55 1.47 -22.78
CA THR A 251 -17.02 1.13 -21.47
C THR A 251 -18.02 0.30 -20.70
N LEU A 252 -19.30 0.46 -21.00
CA LEU A 252 -20.35 -0.29 -20.32
C LEU A 252 -20.71 -1.55 -21.13
N GLY A 253 -19.88 -1.87 -22.12
CA GLY A 253 -20.13 -3.04 -22.93
C GLY A 253 -18.99 -4.04 -22.86
N SER A 254 -18.83 -4.81 -23.92
CA SER A 254 -17.80 -5.82 -23.97
C SER A 254 -16.43 -5.19 -23.94
N ASP A 255 -16.28 -4.07 -24.63
CA ASP A 255 -15.02 -3.35 -24.71
C ASP A 255 -14.53 -2.92 -23.35
N GLY A 256 -15.48 -2.56 -22.50
CA GLY A 256 -15.13 -2.13 -21.17
C GLY A 256 -14.40 -3.19 -20.38
N GLU A 257 -14.91 -4.42 -20.36
CA GLU A 257 -14.24 -5.46 -19.60
C GLU A 257 -13.02 -6.04 -20.29
N ASN A 258 -12.89 -5.75 -21.58
CA ASN A 258 -11.74 -6.24 -22.33
C ASN A 258 -10.58 -5.26 -22.19
N LEU A 259 -10.81 -4.19 -21.45
CA LEU A 259 -9.79 -3.18 -21.26
C LEU A 259 -8.80 -3.66 -20.21
N PRO A 260 -7.50 -3.38 -20.38
CA PRO A 260 -6.51 -3.83 -19.41
C PRO A 260 -6.55 -3.05 -18.10
N LYS A 261 -6.22 -3.72 -16.99
CA LYS A 261 -6.20 -3.10 -15.67
C LYS A 261 -5.31 -1.85 -15.69
N ALA A 262 -5.36 -1.06 -14.62
CA ALA A 262 -4.58 0.16 -14.58
C ALA A 262 -4.09 0.55 -13.19
N HIS A 263 -2.98 1.28 -13.12
CA HIS A 263 -2.46 1.71 -11.81
C HIS A 263 -3.14 3.00 -11.38
N ILE A 264 -3.49 3.81 -12.38
CA ILE A 264 -4.11 5.12 -12.16
C ILE A 264 -5.31 5.32 -13.10
N VAL A 265 -6.34 6.01 -12.64
CA VAL A 265 -7.51 6.29 -13.47
C VAL A 265 -7.94 7.74 -13.22
N ALA A 266 -7.92 8.57 -14.26
CA ALA A 266 -8.35 9.97 -14.14
C ALA A 266 -9.37 10.12 -15.25
N THR A 267 -10.60 10.41 -14.89
CA THR A 267 -11.62 10.50 -15.91
C THR A 267 -12.78 11.41 -15.50
N ASN A 268 -13.52 11.88 -16.50
CA ASN A 268 -14.68 12.74 -16.30
C ASN A 268 -15.75 12.09 -17.17
N PRO A 269 -16.39 11.00 -16.67
CA PRO A 269 -17.42 10.33 -17.47
C PRO A 269 -18.59 11.24 -17.81
N PRO A 270 -19.38 10.87 -18.83
CA PRO A 270 -20.54 11.65 -19.28
C PRO A 270 -21.61 11.86 -18.21
N PHE A 271 -22.25 13.02 -18.31
CA PHE A 271 -23.32 13.40 -17.39
C PHE A 271 -24.65 12.96 -17.99
N GLY A 272 -25.70 13.04 -17.19
CA GLY A 272 -27.03 12.66 -17.63
C GLY A 272 -27.10 11.22 -18.05
N SER A 273 -28.15 10.87 -18.79
CA SER A 273 -28.30 9.49 -19.23
C SER A 273 -27.34 9.17 -20.38
N ALA A 274 -26.34 10.05 -20.57
CA ALA A 274 -25.31 9.91 -21.62
C ALA A 274 -25.88 9.63 -23.03
N ALA A 275 -24.99 9.40 -24.00
CA ALA A 275 -25.40 9.13 -25.37
C ALA A 275 -25.84 7.67 -25.53
N GLY A 276 -25.80 7.16 -26.75
CA GLY A 276 -26.20 5.79 -27.02
C GLY A 276 -25.24 4.77 -26.41
N THR A 277 -25.36 4.55 -25.12
CA THR A 277 -24.51 3.60 -24.41
C THR A 277 -25.35 2.59 -23.63
N ASN A 278 -25.61 1.46 -24.26
CA ASN A 278 -26.39 0.40 -23.64
C ASN A 278 -25.51 -0.38 -22.66
N ILE A 279 -26.02 -0.58 -21.45
CA ILE A 279 -25.28 -1.28 -20.42
C ILE A 279 -25.40 -2.78 -20.59
N THR A 280 -24.70 -3.33 -21.58
CA THR A 280 -24.75 -4.75 -21.84
C THR A 280 -23.61 -5.48 -21.13
N ARG A 281 -23.37 -5.12 -19.88
CA ARG A 281 -22.30 -5.72 -19.10
C ARG A 281 -22.80 -5.90 -17.69
N THR A 282 -22.45 -7.01 -17.05
CA THR A 282 -22.94 -7.20 -15.71
C THR A 282 -21.98 -6.62 -14.68
N PHE A 283 -22.53 -5.94 -13.68
CA PHE A 283 -21.71 -5.36 -12.64
C PHE A 283 -22.10 -5.93 -11.28
N VAL A 284 -21.27 -5.68 -10.29
CA VAL A 284 -21.54 -6.18 -8.96
C VAL A 284 -22.92 -5.74 -8.47
N HIS A 285 -23.38 -4.60 -8.97
CA HIS A 285 -24.70 -4.06 -8.61
C HIS A 285 -25.32 -3.42 -9.84
N PRO A 286 -26.05 -4.21 -10.65
CA PRO A 286 -26.71 -3.70 -11.86
C PRO A 286 -27.49 -2.41 -11.61
N THR A 287 -27.28 -1.41 -12.45
CA THR A 287 -27.96 -0.13 -12.27
C THR A 287 -28.32 0.48 -13.61
N SER A 288 -29.19 1.47 -13.59
CA SER A 288 -29.61 2.14 -14.81
C SER A 288 -28.93 3.46 -14.84
N ASN A 289 -28.11 3.70 -13.84
CA ASN A 289 -27.39 4.94 -13.72
C ASN A 289 -26.04 4.84 -14.41
N LYS A 290 -25.92 5.49 -15.56
CA LYS A 290 -24.68 5.45 -16.31
C LYS A 290 -23.46 5.81 -15.48
N GLN A 291 -23.55 6.89 -14.72
CA GLN A 291 -22.42 7.33 -13.92
C GLN A 291 -22.01 6.31 -12.86
N LEU A 292 -22.99 5.72 -12.18
CA LEU A 292 -22.70 4.71 -11.18
C LEU A 292 -22.14 3.45 -11.81
N CYS A 293 -22.32 3.30 -13.12
CA CYS A 293 -21.80 2.13 -13.83
C CYS A 293 -20.34 2.38 -14.04
N PHE A 294 -20.01 3.61 -14.44
CA PHE A 294 -18.63 3.94 -14.65
C PHE A 294 -17.84 3.73 -13.36
N GLN A 296 -18.40 1.59 -11.03
CA GLN A 296 -18.18 0.18 -10.85
C GLN A 296 -17.06 -0.35 -11.73
N HIS A 297 -16.97 0.20 -12.94
CA HIS A 297 -15.91 -0.18 -13.87
C HIS A 297 -14.56 0.27 -13.31
N ILE A 298 -14.49 1.54 -12.91
CA ILE A 298 -13.26 2.11 -12.38
C ILE A 298 -12.76 1.34 -11.16
N ILE A 299 -13.68 0.88 -10.31
CA ILE A 299 -13.29 0.11 -9.14
C ILE A 299 -12.68 -1.24 -9.52
N GLU A 300 -13.21 -1.81 -10.60
CA GLU A 300 -12.81 -3.09 -11.16
C GLU A 300 -11.45 -3.12 -11.85
N THR A 301 -11.20 -2.19 -12.77
CA THR A 301 -9.91 -2.15 -13.50
C THR A 301 -8.71 -1.78 -12.68
N LEU A 302 -8.91 -1.11 -11.58
CA LEU A 302 -7.76 -0.70 -10.79
C LEU A 302 -7.01 -1.87 -10.16
N HIS A 303 -5.69 -1.88 -10.33
CA HIS A 303 -4.87 -2.91 -9.72
C HIS A 303 -4.96 -2.68 -8.22
N PRO A 304 -4.60 -3.68 -7.43
CA PRO A 304 -4.66 -3.51 -5.97
C PRO A 304 -3.66 -2.37 -5.66
N GLY A 305 -4.08 -1.41 -4.86
CA GLY A 305 -3.21 -0.31 -4.54
C GLY A 305 -3.34 0.81 -5.56
N GLY A 306 -4.16 0.60 -6.57
CA GLY A 306 -4.37 1.62 -7.58
C GLY A 306 -4.98 2.87 -6.98
N ARG A 307 -4.95 3.96 -7.74
CA ARG A 307 -5.51 5.21 -7.29
C ARG A 307 -6.25 5.90 -8.40
N ALA A 308 -7.27 6.66 -8.06
CA ALA A 308 -8.06 7.33 -9.05
C ALA A 308 -8.61 8.66 -8.56
N ALA A 309 -9.05 9.47 -9.52
CA ALA A 309 -9.66 10.78 -9.31
C ALA A 309 -10.77 10.78 -10.36
N VAL A 310 -12.01 10.80 -9.89
CA VAL A 310 -13.14 10.76 -10.80
C VAL A 310 -14.10 11.94 -10.62
N VAL A 311 -14.34 12.66 -11.72
CA VAL A 311 -15.26 13.79 -11.70
C VAL A 311 -16.66 13.24 -11.79
N VAL A 312 -17.49 13.54 -10.80
CA VAL A 312 -18.86 13.03 -10.79
C VAL A 312 -19.92 14.07 -10.43
N PRO A 313 -21.19 13.80 -10.79
CA PRO A 313 -22.32 14.70 -10.50
C PRO A 313 -22.83 14.46 -9.09
N ASP A 314 -23.55 15.42 -8.53
CA ASP A 314 -24.07 15.26 -7.19
C ASP A 314 -24.90 13.98 -7.02
N ASN A 315 -25.66 13.59 -8.03
CA ASN A 315 -26.51 12.40 -7.96
C ASN A 315 -25.79 11.16 -7.42
N VAL A 316 -24.60 10.90 -7.94
CA VAL A 316 -23.75 9.77 -7.53
C VAL A 316 -23.55 9.75 -6.02
N LEU A 317 -23.52 10.93 -5.43
CA LEU A 317 -23.31 11.06 -4.00
C LEU A 317 -24.56 10.81 -3.16
N PHE A 318 -25.71 11.29 -3.64
CA PHE A 318 -26.95 11.14 -2.89
C PHE A 318 -27.99 10.12 -3.36
N GLU A 319 -27.95 9.76 -4.64
CA GLU A 319 -28.91 8.80 -5.17
C GLU A 319 -29.13 7.63 -4.22
N GLY A 320 -30.36 7.14 -4.13
CA GLY A 320 -30.65 6.02 -3.26
C GLY A 320 -30.78 4.72 -4.03
N GLY A 321 -31.50 3.75 -3.47
CA GLY A 321 -31.66 2.47 -4.13
C GLY A 321 -30.35 1.74 -4.36
N LYS A 322 -30.03 1.43 -5.61
CA LYS A 322 -28.79 0.76 -5.90
C LYS A 322 -27.65 1.71 -5.65
N GLY A 323 -27.95 3.01 -5.71
CA GLY A 323 -26.93 4.03 -5.48
C GLY A 323 -26.27 3.90 -4.12
N THR A 324 -27.05 3.51 -3.13
CA THR A 324 -26.53 3.33 -1.79
C THR A 324 -25.65 2.10 -1.71
N ASP A 325 -26.05 1.05 -2.42
CA ASP A 325 -25.30 -0.20 -2.45
C ASP A 325 -23.94 -0.02 -3.10
N ILE A 326 -23.91 0.71 -4.21
CA ILE A 326 -22.67 0.94 -4.93
C ILE A 326 -21.72 1.86 -4.17
N ARG A 327 -22.30 2.78 -3.39
CA ARG A 327 -21.50 3.71 -2.62
C ARG A 327 -20.88 2.99 -1.45
N ARG A 328 -21.59 2.00 -0.93
CA ARG A 328 -21.10 1.19 0.18
C ARG A 328 -20.04 0.23 -0.34
N ASP A 329 -20.19 -0.17 -1.60
CA ASP A 329 -19.27 -1.07 -2.24
C ASP A 329 -17.97 -0.32 -2.47
N LEU A 330 -18.08 0.93 -2.92
CA LEU A 330 -16.90 1.74 -3.16
C LEU A 330 -16.10 1.94 -1.87
N ASP A 332 -16.04 0.11 0.55
CA ASP A 332 -15.62 -1.16 1.11
C ASP A 332 -14.36 -1.58 0.37
N LYS A 333 -14.45 -1.66 -0.95
CA LYS A 333 -13.36 -2.08 -1.80
C LYS A 333 -12.25 -1.05 -2.02
N CYS A 334 -12.59 0.22 -1.75
CA CYS A 334 -11.66 1.32 -1.91
C CYS A 334 -11.57 2.17 -0.68
N HIS A 335 -10.49 2.93 -0.62
CA HIS A 335 -10.24 3.83 0.48
C HIS A 335 -10.48 5.25 -0.03
N LEU A 336 -11.76 5.67 0.01
CA LEU A 336 -12.12 7.01 -0.42
C LEU A 336 -11.62 7.93 0.66
N HIS A 337 -10.73 8.84 0.31
CA HIS A 337 -10.19 9.72 1.32
C HIS A 337 -10.49 11.19 1.12
N THR A 338 -10.76 11.61 -0.11
CA THR A 338 -11.00 13.01 -0.36
C THR A 338 -12.13 13.27 -1.35
N ILE A 339 -12.94 14.28 -1.04
CA ILE A 339 -14.02 14.67 -1.92
C ILE A 339 -13.98 16.17 -2.13
N LEU A 340 -13.85 16.57 -3.39
CA LEU A 340 -13.80 17.97 -3.76
C LEU A 340 -15.12 18.37 -4.42
N ARG A 341 -15.85 19.29 -3.80
CA ARG A 341 -17.13 19.75 -4.34
C ARG A 341 -16.86 20.98 -5.19
N LEU A 342 -16.95 20.81 -6.50
CA LEU A 342 -16.67 21.88 -7.44
C LEU A 342 -17.72 22.99 -7.50
N PRO A 343 -17.31 24.19 -7.99
CA PRO A 343 -18.23 25.33 -8.09
C PRO A 343 -19.20 25.07 -9.23
N THR A 344 -19.98 26.08 -9.58
CA THR A 344 -20.90 25.95 -10.69
C THR A 344 -20.52 26.96 -11.76
N GLY A 345 -20.85 26.62 -13.00
CA GLY A 345 -20.54 27.49 -14.12
C GLY A 345 -19.13 27.38 -14.65
N ILE A 346 -18.44 26.29 -14.31
CA ILE A 346 -17.07 26.07 -14.77
C ILE A 346 -17.13 25.12 -15.95
N PHE A 347 -18.29 24.51 -16.15
CA PHE A 347 -18.48 23.60 -17.26
C PHE A 347 -19.32 24.25 -18.35
N TYR A 348 -19.05 23.88 -19.60
CA TYR A 348 -19.79 24.43 -20.74
C TYR A 348 -21.28 24.27 -20.50
N ALA A 349 -21.65 23.31 -19.65
CA ALA A 349 -23.05 23.10 -19.30
C ALA A 349 -23.41 24.30 -18.43
N GLN A 350 -23.98 24.08 -17.25
CA GLN A 350 -24.31 25.21 -16.39
C GLN A 350 -24.86 24.77 -15.03
N GLY A 351 -26.12 24.33 -15.03
CA GLY A 351 -26.76 23.89 -13.80
C GLY A 351 -26.39 22.48 -13.41
N VAL A 352 -25.10 22.18 -13.43
CA VAL A 352 -24.64 20.85 -13.06
C VAL A 352 -23.69 20.94 -11.89
N LYS A 353 -24.07 20.26 -10.80
CA LYS A 353 -23.27 20.24 -9.61
C LYS A 353 -22.30 19.08 -9.76
N THR A 354 -21.01 19.38 -9.69
CA THR A 354 -20.01 18.35 -9.87
C THR A 354 -19.01 18.23 -8.74
N ASN A 355 -18.45 17.04 -8.59
CA ASN A 355 -17.46 16.81 -7.56
C ASN A 355 -16.31 15.98 -8.13
N VAL A 356 -15.29 15.78 -7.32
CA VAL A 356 -14.15 14.97 -7.71
C VAL A 356 -13.85 14.03 -6.56
N LEU A 357 -13.99 12.73 -6.76
CA LEU A 357 -13.71 11.78 -5.70
C LEU A 357 -12.28 11.28 -5.87
N PHE A 358 -11.55 11.22 -4.76
CA PHE A 358 -10.18 10.74 -4.78
C PHE A 358 -10.15 9.51 -3.88
N PHE A 359 -9.66 8.39 -4.41
CA PHE A 359 -9.62 7.17 -3.63
C PHE A 359 -8.60 6.19 -4.14
N THR A 360 -8.29 5.22 -3.28
CA THR A 360 -7.31 4.18 -3.56
C THR A 360 -7.99 2.80 -3.58
N LYS A 361 -7.55 1.92 -4.47
CA LYS A 361 -8.09 0.56 -4.55
C LYS A 361 -7.48 -0.20 -3.35
N GLY A 362 -8.29 -0.58 -2.38
CA GLY A 362 -7.76 -1.25 -1.21
C GLY A 362 -7.07 -0.17 -0.39
N THR A 363 -6.03 -0.52 0.34
CA THR A 363 -5.32 0.49 1.11
C THR A 363 -3.81 0.36 0.85
N VAL A 364 -3.07 1.43 1.06
CA VAL A 364 -1.64 1.38 0.84
C VAL A 364 -1.03 0.22 1.65
N ALA A 365 -1.46 0.07 2.89
CA ALA A 365 -0.93 -0.99 3.73
C ALA A 365 -1.37 -2.39 3.27
N ASN A 366 -2.63 -2.49 2.85
CA ASN A 366 -3.18 -3.76 2.41
C ASN A 366 -3.88 -3.57 1.07
N PRO A 367 -3.10 -3.61 -0.02
CA PRO A 367 -3.54 -3.44 -1.39
C PRO A 367 -4.66 -4.37 -1.79
N ASN A 368 -4.92 -5.41 -1.01
CA ASN A 368 -5.97 -6.33 -1.40
C ASN A 368 -7.17 -6.35 -0.52
N GLN A 369 -7.20 -5.49 0.49
CA GLN A 369 -8.32 -5.43 1.41
C GLN A 369 -9.66 -5.32 0.67
N ASP A 370 -10.59 -6.16 1.06
CA ASP A 370 -11.92 -6.22 0.45
C ASP A 370 -13.00 -5.41 1.15
N LYS A 371 -12.77 -5.11 2.42
CA LYS A 371 -13.76 -4.41 3.20
C LYS A 371 -13.20 -3.37 4.15
N ASN A 372 -14.08 -2.49 4.60
CA ASN A 372 -13.73 -1.45 5.54
C ASN A 372 -12.50 -0.63 5.19
N CYS A 373 -12.26 -0.44 3.89
CA CYS A 373 -11.11 0.31 3.45
C CYS A 373 -11.19 1.79 3.79
N THR A 374 -12.38 2.33 3.70
CA THR A 374 -12.58 3.73 4.00
C THR A 374 -12.80 3.94 5.47
N ASP A 375 -12.12 4.95 6.02
CA ASP A 375 -12.26 5.30 7.42
C ASP A 375 -12.62 6.78 7.57
N ASP A 376 -11.71 7.67 7.20
CA ASP A 376 -12.00 9.08 7.29
C ASP A 376 -12.09 9.70 5.91
N VAL A 377 -13.16 10.46 5.68
CA VAL A 377 -13.32 11.11 4.40
C VAL A 377 -13.21 12.61 4.56
N TRP A 378 -12.29 13.22 3.81
CA TRP A 378 -12.09 14.66 3.83
C TRP A 378 -12.84 15.30 2.69
N VAL A 379 -13.59 16.36 3.01
CA VAL A 379 -14.37 17.06 2.01
C VAL A 379 -13.93 18.52 1.92
N TYR A 380 -13.81 19.04 0.70
CA TYR A 380 -13.42 20.44 0.51
C TYR A 380 -14.51 21.18 -0.25
N ASP A 381 -15.20 22.08 0.44
CA ASP A 381 -16.28 22.85 -0.17
C ASP A 381 -15.71 24.01 -0.98
N LEU A 382 -15.64 23.85 -2.30
CA LEU A 382 -15.15 24.92 -3.13
C LEU A 382 -16.32 25.42 -4.00
N ARG A 383 -17.55 25.18 -3.53
CA ARG A 383 -18.76 25.56 -4.27
C ARG A 383 -19.61 26.66 -3.63
N THR A 384 -20.09 26.41 -2.42
CA THR A 384 -20.95 27.39 -1.78
C THR A 384 -20.21 28.69 -1.50
N ASN A 385 -20.91 29.79 -1.77
CA ASN A 385 -20.37 31.13 -1.56
C ASN A 385 -19.10 31.36 -2.38
N PRO A 387 -17.41 32.94 -6.20
CA PRO A 387 -17.61 33.97 -7.22
C PRO A 387 -18.23 33.39 -8.48
N SER A 388 -19.40 33.88 -8.87
CA SER A 388 -20.10 33.42 -10.08
C SER A 388 -19.17 33.34 -11.30
N PHE A 389 -18.65 32.16 -11.60
CA PHE A 389 -17.75 31.99 -12.73
C PHE A 389 -18.39 32.14 -14.10
N GLY A 390 -17.60 32.67 -15.04
CA GLY A 390 -18.08 32.85 -16.41
C GLY A 390 -16.95 33.44 -17.22
N LYS A 391 -17.23 33.87 -18.45
CA LYS A 391 -16.18 34.44 -19.29
C LYS A 391 -15.68 35.71 -18.63
N ARG A 392 -16.52 36.27 -17.76
CA ARG A 392 -16.17 37.48 -17.03
C ARG A 392 -15.30 37.07 -15.84
N THR A 393 -15.79 36.10 -15.07
CA THR A 393 -15.09 35.58 -13.90
C THR A 393 -14.61 34.17 -14.25
N PRO A 394 -13.40 34.06 -14.84
CA PRO A 394 -12.79 32.80 -15.24
C PRO A 394 -12.29 31.95 -14.07
N PHE A 395 -12.42 30.64 -14.23
CA PHE A 395 -11.99 29.67 -13.22
C PHE A 395 -10.53 29.35 -13.54
N THR A 396 -9.61 29.73 -12.65
CA THR A 396 -8.19 29.49 -12.87
C THR A 396 -7.56 28.53 -11.88
N ASP A 397 -6.27 28.27 -12.06
CA ASP A 397 -5.54 27.39 -11.18
C ASP A 397 -5.45 27.99 -9.79
N GLU A 398 -5.58 29.30 -9.71
CA GLU A 398 -5.52 30.00 -8.44
C GLU A 398 -6.63 29.53 -7.50
N HIS A 399 -7.79 29.22 -8.07
CA HIS A 399 -8.92 28.78 -7.26
C HIS A 399 -8.73 27.39 -6.67
N LEU A 400 -7.82 26.62 -7.26
CA LEU A 400 -7.55 25.27 -6.79
C LEU A 400 -6.32 25.11 -5.90
N GLN A 401 -5.45 26.11 -5.85
CA GLN A 401 -4.25 26.04 -5.03
C GLN A 401 -4.49 25.79 -3.52
N PRO A 402 -5.50 26.43 -2.92
CA PRO A 402 -5.74 26.20 -1.50
C PRO A 402 -6.05 24.74 -1.22
N PHE A 403 -6.95 24.18 -2.04
CA PHE A 403 -7.35 22.80 -1.90
C PHE A 403 -6.14 21.88 -2.10
N GLU A 404 -5.35 22.11 -3.13
CA GLU A 404 -4.23 21.25 -3.34
C GLU A 404 -3.19 21.37 -2.23
N ARG A 405 -3.15 22.51 -1.54
CA ARG A 405 -2.22 22.67 -0.43
C ARG A 405 -2.62 21.76 0.73
N VAL A 406 -3.85 21.91 1.22
CA VAL A 406 -4.32 21.10 2.33
C VAL A 406 -4.34 19.61 1.98
N TYR A 407 -4.60 19.30 0.71
CA TYR A 407 -4.66 17.92 0.24
C TYR A 407 -3.44 17.09 0.65
N GLY A 408 -2.25 17.66 0.49
CA GLY A 408 -1.03 16.97 0.84
C GLY A 408 -0.23 16.63 -0.41
N GLU A 409 1.02 16.20 -0.24
CA GLU A 409 1.85 15.87 -1.40
C GLU A 409 1.85 14.38 -1.73
N ASP A 410 1.22 13.60 -0.85
CA ASP A 410 1.12 12.19 -1.06
C ASP A 410 -0.07 11.90 -1.95
N PRO A 411 0.16 11.21 -3.07
CA PRO A 411 -0.86 10.84 -4.05
C PRO A 411 -1.94 9.91 -3.52
N HIS A 412 -1.71 9.34 -2.35
CA HIS A 412 -2.71 8.45 -1.73
C HIS A 412 -3.45 9.17 -0.64
N GLY A 413 -3.26 10.49 -0.56
CA GLY A 413 -3.94 11.26 0.47
C GLY A 413 -3.60 10.83 1.88
N LEU A 414 -2.34 10.47 2.08
CA LEU A 414 -1.90 10.03 3.39
C LEU A 414 -1.03 11.07 4.06
N SER A 415 -0.82 12.20 3.40
CA SER A 415 -0.04 13.26 4.01
C SER A 415 -0.82 13.79 5.22
N PRO A 416 -0.12 14.23 6.27
CA PRO A 416 -0.85 14.73 7.45
C PRO A 416 -1.82 15.86 7.09
N ARG A 417 -3.03 15.78 7.62
CA ARG A 417 -4.09 16.75 7.38
C ARG A 417 -4.73 17.22 8.69
N THR A 418 -5.19 18.47 8.69
CA THR A 418 -5.83 19.05 9.87
C THR A 418 -6.93 19.96 9.38
N GLU A 419 -8.16 19.72 9.85
CA GLU A 419 -9.29 20.54 9.43
C GLU A 419 -8.93 22.01 9.61
N GLY A 420 -9.40 22.86 8.70
CA GLY A 420 -9.10 24.26 8.83
C GLY A 420 -8.61 24.93 7.56
N GLU A 421 -9.54 25.52 6.83
CA GLU A 421 -9.19 26.22 5.61
C GLU A 421 -10.32 27.22 5.36
N TRP A 422 -9.98 28.50 5.41
CA TRP A 422 -10.99 29.53 5.23
C TRP A 422 -10.74 30.49 4.08
N SER A 423 -10.59 29.94 2.88
CA SER A 423 -10.37 30.79 1.72
C SER A 423 -11.67 31.31 1.16
N PHE A 424 -11.59 32.07 0.06
CA PHE A 424 -12.74 32.64 -0.60
C PHE A 424 -13.85 33.07 0.36
N ASN A 425 -13.47 33.84 1.39
CA ASN A 425 -14.41 34.36 2.37
C ASN A 425 -15.24 33.28 3.03
N ALA A 426 -14.54 32.26 3.54
CA ALA A 426 -15.23 31.16 4.19
C ALA A 426 -15.81 31.61 5.52
N GLU A 427 -15.14 32.58 6.16
CA GLU A 427 -15.57 33.10 7.45
C GLU A 427 -16.84 33.93 7.38
N GLU A 428 -17.12 34.49 6.21
CA GLU A 428 -18.30 35.31 6.01
C GLU A 428 -19.45 34.51 5.39
N THR A 429 -19.29 33.20 5.31
CA THR A 429 -20.34 32.35 4.73
C THR A 429 -21.28 31.88 5.82
N GLU A 430 -22.56 31.77 5.46
CA GLU A 430 -23.58 31.31 6.40
C GLU A 430 -23.43 29.82 6.69
N VAL A 431 -23.40 29.46 7.97
CA VAL A 431 -23.26 28.07 8.40
C VAL A 431 -24.63 27.38 8.45
N ALA A 432 -24.72 26.18 7.89
CA ALA A 432 -25.99 25.44 7.90
C ALA A 432 -26.16 24.67 9.18
N ASP A 433 -27.41 24.48 9.58
CA ASP A 433 -27.72 23.75 10.79
C ASP A 433 -28.08 22.32 10.39
N SER A 434 -27.10 21.42 10.46
CA SER A 434 -27.30 20.02 10.09
C SER A 434 -26.35 19.13 10.85
N GLU A 435 -26.57 17.83 10.76
CA GLU A 435 -25.72 16.87 11.45
C GLU A 435 -24.23 17.18 11.29
N GLU A 436 -23.84 17.64 10.12
CA GLU A 436 -22.44 17.93 9.87
C GLU A 436 -21.87 18.94 10.86
N ASN A 437 -22.64 19.99 11.17
CA ASN A 437 -22.18 21.02 12.10
C ASN A 437 -22.58 20.78 13.55
N LYS A 438 -23.10 19.60 13.85
CA LYS A 438 -23.51 19.30 15.20
C LYS A 438 -22.27 19.19 16.11
N ASN A 439 -22.32 19.88 17.26
CA ASN A 439 -21.21 19.85 18.21
C ASN A 439 -19.93 20.41 17.61
N THR A 440 -20.08 21.32 16.63
CA THR A 440 -18.93 21.92 15.97
C THR A 440 -18.78 23.39 16.36
N ASP A 441 -17.56 23.79 16.73
CA ASP A 441 -17.31 25.17 17.12
C ASP A 441 -17.39 26.14 15.96
N GLN A 442 -17.67 27.39 16.29
CA GLN A 442 -17.82 28.47 15.33
C GLN A 442 -16.78 28.50 14.22
N HIS A 443 -15.50 28.36 14.57
CA HIS A 443 -14.43 28.43 13.59
C HIS A 443 -14.44 27.30 12.57
N LEU A 444 -14.61 26.07 13.03
CA LEU A 444 -14.64 24.91 12.16
C LEU A 444 -15.86 24.88 11.24
N ALA A 445 -17.02 25.25 11.78
CA ALA A 445 -18.26 25.24 11.02
C ALA A 445 -18.21 26.16 9.82
N THR A 446 -17.16 26.94 9.68
CA THR A 446 -17.06 27.84 8.54
C THR A 446 -15.91 27.46 7.64
N SER A 447 -15.20 26.41 8.01
CA SER A 447 -14.06 25.94 7.24
C SER A 447 -14.51 25.21 5.98
N ARG A 448 -13.76 25.39 4.89
CA ARG A 448 -14.09 24.73 3.64
C ARG A 448 -13.46 23.33 3.63
N TRP A 449 -12.60 23.07 4.61
CA TRP A 449 -11.90 21.79 4.74
C TRP A 449 -12.28 21.11 6.06
N ARG A 450 -13.03 20.01 5.93
CA ARG A 450 -13.50 19.25 7.09
C ARG A 450 -13.48 17.73 6.85
N LYS A 451 -13.29 16.96 7.92
CA LYS A 451 -13.25 15.49 7.82
C LYS A 451 -14.47 14.86 8.49
N PHE A 452 -14.89 13.72 7.94
CA PHE A 452 -16.03 13.01 8.49
C PHE A 452 -15.72 11.52 8.57
N SER A 453 -16.08 10.90 9.68
CA SER A 453 -15.82 9.49 9.88
C SER A 453 -16.74 8.56 9.12
N ARG A 454 -16.29 7.33 8.93
CA ARG A 454 -17.08 6.33 8.22
C ARG A 454 -18.36 6.02 9.00
N GLU A 455 -18.24 5.88 10.31
CA GLU A 455 -19.38 5.58 11.14
C GLU A 455 -20.36 6.74 11.08
N TRP A 456 -19.85 7.96 11.00
CA TRP A 456 -20.74 9.11 10.93
C TRP A 456 -21.51 9.06 9.62
N ILE A 457 -20.80 8.91 8.50
CA ILE A 457 -21.46 8.82 7.22
C ILE A 457 -22.50 7.71 7.22
N ARG A 458 -22.17 6.59 7.85
CA ARG A 458 -23.08 5.46 7.93
C ARG A 458 -24.36 5.81 8.68
N THR A 459 -24.19 6.33 9.89
CA THR A 459 -25.27 6.72 10.77
C THR A 459 -26.03 7.97 10.35
N ALA A 460 -25.44 9.12 10.61
CA ALA A 460 -26.04 10.40 10.28
C ALA A 460 -26.48 10.47 8.83
N LYS A 461 -25.53 10.26 7.92
CA LYS A 461 -25.81 10.34 6.51
C LYS A 461 -26.43 9.14 5.83
N SER A 462 -26.62 8.05 6.58
CA SER A 462 -27.21 6.86 6.00
C SER A 462 -26.48 6.49 4.72
N ASP A 463 -25.15 6.56 4.79
CA ASP A 463 -24.31 6.22 3.66
C ASP A 463 -24.58 7.05 2.41
N SER A 464 -24.53 8.36 2.59
CA SER A 464 -24.70 9.30 1.51
C SER A 464 -23.48 10.19 1.58
N LEU A 465 -22.89 10.47 0.42
CA LEU A 465 -21.70 11.31 0.39
C LEU A 465 -22.01 12.74 -0.02
N ASP A 466 -23.29 13.10 0.01
CA ASP A 466 -23.70 14.45 -0.33
C ASP A 466 -23.55 15.27 0.94
N ILE A 467 -22.30 15.40 1.39
CA ILE A 467 -21.96 16.12 2.62
C ILE A 467 -21.76 17.60 2.40
N SER A 468 -22.55 18.39 3.13
CA SER A 468 -22.49 19.84 3.02
C SER A 468 -22.77 20.47 4.37
N TRP A 469 -22.06 21.55 4.70
CA TRP A 469 -22.26 22.20 5.98
C TRP A 469 -22.18 23.72 5.87
N LEU A 470 -22.47 24.23 4.68
CA LEU A 470 -22.46 25.66 4.46
C LEU A 470 -23.69 26.05 3.66
N LYS A 471 -24.38 27.10 4.09
CA LYS A 471 -25.56 27.58 3.39
C LYS A 471 -25.18 28.75 2.49
N ASP A 472 -25.71 28.75 1.29
CA ASP A 472 -25.42 29.81 0.33
C ASP A 472 -26.37 30.97 0.61
N LYS A 473 -25.94 32.18 0.23
CA LYS A 473 -26.73 33.40 0.43
C LYS A 473 -28.12 33.34 -0.20
N ASP A 474 -29.04 34.14 0.34
CA ASP A 474 -30.42 34.19 -0.15
C ASP A 474 -30.54 35.04 -1.43
N PRO A 482 -40.58 30.21 -6.62
CA PRO A 482 -41.23 28.89 -6.72
C PRO A 482 -41.02 28.02 -5.47
N GLU A 483 -41.28 26.72 -5.61
CA GLU A 483 -41.12 25.78 -4.52
C GLU A 483 -41.40 24.37 -5.02
N PRO A 484 -40.53 23.41 -4.67
CA PRO A 484 -40.68 22.02 -5.08
C PRO A 484 -42.09 21.47 -4.91
N ASP A 485 -42.51 21.28 -3.66
CA ASP A 485 -43.84 20.74 -3.38
C ASP A 485 -44.96 21.56 -4.04
N VAL A 486 -44.65 22.81 -4.38
CA VAL A 486 -45.62 23.69 -5.01
C VAL A 486 -45.60 23.52 -6.52
N LEU A 487 -44.40 23.42 -7.09
CA LEU A 487 -44.27 23.24 -8.53
C LEU A 487 -44.75 21.85 -8.93
N ALA A 488 -44.40 20.87 -8.10
CA ALA A 488 -44.78 19.49 -8.34
C ALA A 488 -46.30 19.38 -8.34
N ALA A 489 -46.91 20.04 -7.36
CA ALA A 489 -48.37 20.02 -7.23
C ALA A 489 -49.05 20.58 -8.47
N GLU A 490 -48.68 21.79 -8.88
CA GLU A 490 -49.29 22.37 -10.06
C GLU A 490 -49.00 21.49 -11.26
N ALA A 491 -47.78 20.98 -11.33
CA ALA A 491 -47.36 20.12 -12.43
C ALA A 491 -48.26 18.89 -12.55
N GLY A 493 -51.23 18.51 -11.59
CA GLY A 493 -52.56 18.88 -12.06
C GLY A 493 -52.62 18.74 -13.56
N GLU A 494 -51.61 19.26 -14.23
CA GLU A 494 -51.54 19.21 -15.69
C GLU A 494 -51.33 17.79 -16.22
N LEU A 495 -50.42 17.03 -15.62
CA LEU A 495 -50.19 15.67 -16.08
C LEU A 495 -51.49 14.89 -16.03
N VAL A 496 -52.23 15.10 -14.96
CA VAL A 496 -53.51 14.42 -14.78
C VAL A 496 -54.47 14.81 -15.89
N GLN A 497 -54.45 16.10 -16.23
CA GLN A 497 -55.28 16.65 -17.29
C GLN A 497 -54.88 15.97 -18.61
N ALA A 498 -53.57 15.95 -18.86
CA ALA A 498 -53.02 15.36 -20.07
C ALA A 498 -53.34 13.90 -20.13
N LEU A 499 -53.13 13.20 -19.01
CA LEU A 499 -53.39 11.77 -18.95
C LEU A 499 -54.82 11.41 -19.31
N SER A 500 -55.78 12.23 -18.88
CA SER A 500 -57.19 11.98 -19.19
C SER A 500 -57.40 12.06 -20.69
N GLU A 501 -57.02 13.20 -21.26
CA GLU A 501 -57.15 13.42 -22.69
C GLU A 501 -56.51 12.27 -23.45
N LEU A 502 -55.31 11.89 -23.03
CA LEU A 502 -54.59 10.80 -23.65
C LEU A 502 -55.39 9.51 -23.59
N ASP A 503 -56.06 9.28 -22.48
CA ASP A 503 -56.86 8.07 -22.33
C ASP A 503 -57.98 8.07 -23.35
N ALA A 504 -58.69 9.20 -23.45
CA ALA A 504 -59.80 9.36 -24.38
C ALA A 504 -59.41 8.84 -25.77
N LEU A 505 -58.25 9.29 -26.27
CA LEU A 505 -57.77 8.84 -27.55
C LEU A 505 -57.79 7.33 -27.63
N ARG A 507 -59.78 5.22 -25.11
CA ARG A 507 -61.14 4.84 -24.73
C ARG A 507 -62.07 5.05 -25.91
N GLU A 508 -61.80 6.11 -26.67
CA GLU A 508 -62.61 6.44 -27.83
C GLU A 508 -61.97 6.02 -29.14
N LEU A 509 -61.05 5.07 -29.08
CA LEU A 509 -60.41 4.59 -30.29
C LEU A 509 -61.19 3.35 -30.75
N GLY A 510 -62.45 3.56 -31.11
CA GLY A 510 -63.33 2.48 -31.56
C GLY A 510 -62.71 1.52 -32.56
N ALA A 511 -62.16 0.42 -32.04
CA ALA A 511 -61.50 -0.60 -32.83
C ALA A 511 -62.38 -1.23 -33.92
N SER A 512 -61.91 -1.07 -35.15
CA SER A 512 -62.55 -1.58 -36.36
C SER A 512 -61.68 -1.13 -37.53
N ASP A 513 -62.01 -1.58 -38.73
CA ASP A 513 -61.25 -1.19 -39.92
C ASP A 513 -61.70 0.19 -40.43
N GLU A 514 -62.61 0.83 -39.67
CA GLU A 514 -63.12 2.15 -40.02
C GLU A 514 -62.02 3.19 -39.82
N ALA A 515 -61.53 3.29 -38.58
CA ALA A 515 -60.49 4.24 -38.27
C ALA A 515 -59.24 3.97 -39.12
N ASP A 516 -59.04 2.70 -39.51
CA ASP A 516 -57.88 2.30 -40.34
C ASP A 516 -57.87 3.01 -41.69
N LEU A 517 -59.00 2.94 -42.41
CA LEU A 517 -59.14 3.57 -43.72
C LEU A 517 -59.66 5.00 -43.65
N GLN A 518 -60.40 5.33 -42.59
CA GLN A 518 -60.92 6.70 -42.43
C GLN A 518 -59.79 7.67 -42.14
N ARG A 519 -58.82 7.22 -41.34
CA ARG A 519 -57.67 8.03 -40.98
C ARG A 519 -56.80 8.26 -42.22
N GLN A 520 -56.60 7.20 -43.02
CA GLN A 520 -55.80 7.32 -44.24
C GLN A 520 -56.57 7.98 -45.37
N LEU A 521 -57.88 8.13 -45.19
CA LEU A 521 -58.72 8.78 -46.19
C LEU A 521 -58.46 10.29 -46.11
N LEU A 522 -58.01 10.72 -44.93
CA LEU A 522 -57.67 12.12 -44.69
C LEU A 522 -56.27 12.31 -45.28
N GLU A 523 -55.46 11.27 -45.19
CA GLU A 523 -54.12 11.31 -45.73
C GLU A 523 -54.30 11.23 -47.25
N GLU A 524 -55.45 10.70 -47.66
CA GLU A 524 -55.81 10.55 -49.07
C GLU A 524 -56.18 11.94 -49.59
N ALA A 525 -56.11 12.91 -48.69
CA ALA A 525 -56.40 14.30 -49.02
C ALA A 525 -55.09 15.10 -49.00
N PHE A 526 -54.00 14.45 -49.35
CA PHE A 526 -52.68 15.09 -49.38
C PHE A 526 -52.29 15.52 -47.97
N GLY A 527 -51.57 16.63 -47.89
CA GLY A 527 -51.14 17.15 -46.59
C GLY A 527 -50.14 18.28 -46.75
N GLY A 528 -50.23 19.28 -45.85
CA GLY A 528 -49.32 20.40 -45.90
C GLY A 528 -49.54 21.32 -47.09
N VAL A 529 -48.93 22.51 -47.04
CA VAL A 529 -49.06 23.52 -48.09
C VAL A 529 -50.50 24.04 -48.19
N ASN B 6 54.14 -19.51 19.32
CA ASN B 6 53.76 -20.71 18.52
C ASN B 6 52.53 -20.40 17.64
N ASP B 7 51.48 -21.20 17.82
CA ASP B 7 50.23 -21.05 17.08
C ASP B 7 49.58 -19.70 17.40
N LEU B 8 49.69 -19.29 18.65
CA LEU B 8 49.12 -18.03 19.09
C LEU B 8 49.96 -16.88 18.55
N VAL B 9 51.27 -17.02 18.63
CA VAL B 9 52.19 -16.01 18.14
C VAL B 9 52.07 -15.83 16.63
N ALA B 10 51.86 -16.93 15.93
CA ALA B 10 51.72 -16.85 14.48
C ALA B 10 50.39 -16.20 14.13
N LYS B 11 49.39 -16.42 14.99
CA LYS B 11 48.04 -15.87 14.80
C LYS B 11 48.03 -14.36 15.07
N LEU B 12 48.85 -13.95 16.03
CA LEU B 12 48.97 -12.54 16.36
C LEU B 12 49.72 -11.85 15.26
N TRP B 13 50.70 -12.55 14.70
CA TRP B 13 51.53 -12.03 13.62
C TRP B 13 50.69 -11.65 12.39
N LYS B 14 49.79 -12.54 11.99
CA LYS B 14 48.95 -12.32 10.83
C LYS B 14 48.16 -11.03 10.94
N LEU B 15 47.73 -10.71 12.15
CA LEU B 15 46.99 -9.48 12.38
C LEU B 15 47.88 -8.27 12.12
N CYS B 16 49.15 -8.36 12.50
CA CYS B 16 50.07 -7.25 12.31
C CYS B 16 50.21 -6.88 10.84
N ASP B 17 49.68 -7.72 9.97
CA ASP B 17 49.73 -7.46 8.54
C ASP B 17 48.83 -6.25 8.23
N ASN B 18 47.78 -6.10 9.04
CA ASN B 18 46.85 -5.00 8.88
C ASN B 18 47.50 -3.72 9.38
N LEU B 19 48.25 -3.86 10.48
CA LEU B 19 48.95 -2.73 11.08
C LEU B 19 50.04 -2.25 10.15
N ARG B 20 50.74 -3.20 9.55
CA ARG B 20 51.81 -2.89 8.62
C ARG B 20 51.26 -2.07 7.47
N ASP B 21 50.18 -2.59 6.87
CA ASP B 21 49.55 -1.92 5.75
C ASP B 21 48.57 -0.86 6.22
N GLY B 22 48.66 -0.48 7.50
CA GLY B 22 47.78 0.53 8.05
C GLY B 22 48.55 1.77 8.44
N GLY B 23 49.87 1.69 8.31
CA GLY B 23 50.73 2.80 8.66
C GLY B 23 51.54 2.55 9.91
N VAL B 24 51.24 1.46 10.60
CA VAL B 24 51.92 1.14 11.84
C VAL B 24 53.31 0.53 11.59
N SER B 25 54.26 0.92 12.43
CA SER B 25 55.63 0.42 12.32
C SER B 25 55.75 -0.93 13.01
N TYR B 26 56.83 -1.66 12.74
CA TYR B 26 57.06 -2.96 13.35
C TYR B 26 57.35 -2.81 14.83
N GLN B 27 57.70 -1.60 15.24
CA GLN B 27 58.01 -1.34 16.64
C GLN B 27 56.74 -1.19 17.48
N ASN B 28 55.66 -0.72 16.88
CA ASN B 28 54.44 -0.52 17.64
C ASN B 28 53.37 -1.58 17.47
N TYR B 29 53.70 -2.65 16.75
CA TYR B 29 52.75 -3.73 16.53
C TYR B 29 52.10 -4.17 17.84
N VAL B 30 52.94 -4.66 18.75
CA VAL B 30 52.47 -5.13 20.05
C VAL B 30 51.59 -4.11 20.77
N ASN B 31 52.04 -2.86 20.82
CA ASN B 31 51.28 -1.80 21.49
C ASN B 31 49.88 -1.68 20.92
N GLU B 32 49.78 -1.70 19.58
CA GLU B 32 48.50 -1.58 18.89
C GLU B 32 47.60 -2.75 19.23
N LEU B 33 48.17 -3.96 19.19
CA LEU B 33 47.45 -5.19 19.48
C LEU B 33 47.00 -5.30 20.95
N ALA B 34 47.89 -4.98 21.86
CA ALA B 34 47.59 -5.06 23.28
C ALA B 34 46.34 -4.28 23.61
N SER B 35 46.27 -3.04 23.11
CA SER B 35 45.12 -2.16 23.35
C SER B 35 43.84 -2.86 22.95
N LEU B 36 43.75 -3.18 21.67
CA LEU B 36 42.57 -3.84 21.14
C LEU B 36 42.25 -5.13 21.86
N LEU B 37 43.26 -5.96 22.08
CA LEU B 37 43.04 -7.23 22.76
C LEU B 37 42.46 -7.04 24.14
N PHE B 38 42.95 -6.02 24.85
CA PHE B 38 42.50 -5.74 26.19
C PHE B 38 41.01 -5.41 26.21
N LEU B 39 40.60 -4.50 25.33
CA LEU B 39 39.19 -4.10 25.24
C LEU B 39 38.33 -5.32 24.90
N LYS B 40 38.82 -6.13 23.97
CA LYS B 40 38.14 -7.34 23.54
C LYS B 40 38.01 -8.34 24.68
N CYS B 42 38.07 -7.62 27.92
CA CYS B 42 37.18 -7.11 28.97
C CYS B 42 35.76 -7.49 28.63
N LYS B 43 35.42 -7.45 27.36
CA LYS B 43 34.08 -7.80 27.00
C LYS B 43 33.93 -9.30 27.28
N GLU B 44 34.83 -10.11 26.73
CA GLU B 44 34.77 -11.57 26.92
C GLU B 44 34.69 -11.99 28.38
N THR B 45 35.16 -11.11 29.26
CA THR B 45 35.14 -11.36 30.69
C THR B 45 33.70 -11.40 31.18
N GLY B 46 32.84 -10.60 30.54
CA GLY B 46 31.44 -10.56 30.93
C GLY B 46 31.14 -9.54 32.01
N GLN B 47 32.11 -8.69 32.30
CA GLN B 47 31.93 -7.66 33.32
C GLN B 47 32.63 -6.39 32.92
N GLU B 48 32.69 -6.12 31.62
CA GLU B 48 33.36 -4.92 31.11
C GLU B 48 32.80 -3.67 31.78
N ALA B 49 31.62 -3.82 32.36
CA ALA B 49 30.97 -2.71 33.04
C ALA B 49 31.76 -2.27 34.26
N GLU B 50 32.62 -3.16 34.76
CA GLU B 50 33.42 -2.88 35.93
C GLU B 50 34.78 -2.28 35.59
N TYR B 51 35.27 -2.58 34.39
CA TYR B 51 36.57 -2.10 33.94
C TYR B 51 36.52 -0.83 33.08
N LEU B 52 35.72 -0.86 32.02
CA LEU B 52 35.61 0.27 31.10
C LEU B 52 34.35 1.09 31.30
N PRO B 53 34.43 2.40 31.02
CA PRO B 53 33.32 3.32 31.16
C PRO B 53 32.30 3.13 30.04
N GLU B 54 31.04 3.35 30.35
CA GLU B 54 29.98 3.23 29.35
C GLU B 54 30.27 4.16 28.16
N GLY B 55 29.91 3.72 26.95
CA GLY B 55 30.14 4.54 25.77
C GLY B 55 31.50 4.30 25.13
N TYR B 56 32.39 3.67 25.88
CA TYR B 56 33.72 3.39 25.37
C TYR B 56 34.12 1.94 25.64
N ARG B 57 33.38 1.01 25.05
CA ARG B 57 33.67 -0.40 25.22
C ARG B 57 33.84 -1.09 23.89
N TRP B 58 34.22 -2.36 23.91
CA TRP B 58 34.45 -3.11 22.69
C TRP B 58 33.35 -2.96 21.63
N ASP B 59 32.09 -3.05 22.03
CA ASP B 59 31.02 -2.92 21.05
C ASP B 59 31.01 -1.54 20.41
N ASP B 60 31.32 -0.51 21.17
CA ASP B 60 31.33 0.85 20.65
C ASP B 60 32.39 1.07 19.57
N LEU B 61 33.47 0.32 19.63
CA LEU B 61 34.55 0.43 18.66
C LEU B 61 34.33 -0.56 17.52
N LYS B 62 34.05 -1.80 17.89
CA LYS B 62 33.83 -2.90 16.95
C LYS B 62 32.66 -2.68 16.00
N SER B 63 31.61 -2.00 16.47
CA SER B 63 30.43 -1.77 15.63
C SER B 63 30.63 -0.69 14.56
N ARG B 64 31.49 0.27 14.86
CA ARG B 64 31.75 1.37 13.96
C ARG B 64 32.58 0.91 12.75
N ILE B 65 32.74 1.78 11.75
CA ILE B 65 33.49 1.41 10.54
C ILE B 65 34.11 2.62 9.88
N GLY B 66 35.20 2.40 9.16
CA GLY B 66 35.87 3.47 8.45
C GLY B 66 36.42 4.61 9.30
N GLN B 67 36.48 5.81 8.72
CA GLN B 67 37.00 6.96 9.43
C GLN B 67 36.21 7.23 10.69
N GLU B 68 34.93 6.96 10.64
CA GLU B 68 34.07 7.17 11.81
C GLU B 68 34.58 6.32 12.95
N GLN B 69 35.22 5.20 12.59
CA GLN B 69 35.79 4.25 13.54
C GLN B 69 37.18 4.63 14.04
N LEU B 70 38.04 5.09 13.14
CA LEU B 70 39.38 5.50 13.47
C LEU B 70 39.34 6.71 14.40
N GLN B 71 38.45 7.64 14.11
CA GLN B 71 38.34 8.81 14.94
C GLN B 71 37.78 8.43 16.30
N PHE B 72 36.87 7.46 16.33
CA PHE B 72 36.32 7.06 17.61
C PHE B 72 37.41 6.41 18.43
N TYR B 73 38.24 5.62 17.76
CA TYR B 73 39.32 4.94 18.44
C TYR B 73 40.26 5.95 19.10
N ARG B 74 40.60 7.02 18.37
CA ARG B 74 41.47 8.06 18.89
C ARG B 74 40.82 8.72 20.11
N LYS B 75 39.53 9.02 19.99
CA LYS B 75 38.78 9.66 21.05
C LYS B 75 38.71 8.73 22.25
N LEU B 77 40.96 6.31 22.99
CA LEU B 77 42.27 6.17 23.60
C LEU B 77 42.52 7.34 24.55
N VAL B 78 42.03 8.51 24.18
CA VAL B 78 42.22 9.68 25.00
C VAL B 78 41.35 9.66 26.24
N HIS B 79 40.11 9.25 26.06
CA HIS B 79 39.19 9.20 27.18
C HIS B 79 39.62 8.21 28.24
N LEU B 80 40.20 7.09 27.83
CA LEU B 80 40.62 6.06 28.77
C LEU B 80 41.89 6.43 29.50
N GLY B 81 42.79 7.12 28.81
CA GLY B 81 44.05 7.51 29.42
C GLY B 81 43.97 8.74 30.30
N GLU B 82 42.76 9.20 30.61
CA GLU B 82 42.60 10.37 31.44
C GLU B 82 41.35 10.32 32.30
N ASP B 83 41.53 9.90 33.55
CA ASP B 83 40.41 9.82 34.51
C ASP B 83 40.91 9.32 35.86
N ASP B 84 40.06 9.42 36.87
CA ASP B 84 40.41 9.00 38.22
C ASP B 84 40.53 7.47 38.38
N LYS B 85 39.87 6.73 37.48
CA LYS B 85 39.88 5.28 37.48
C LYS B 85 41.25 4.79 37.07
N LYS B 86 42.26 5.47 37.59
CA LYS B 86 43.64 5.20 37.30
C LYS B 86 43.96 3.72 37.04
N LEU B 87 43.10 2.81 37.47
CA LEU B 87 43.37 1.39 37.23
C LEU B 87 43.53 1.17 35.73
N VAL B 88 42.47 1.44 34.99
CA VAL B 88 42.51 1.28 33.55
C VAL B 88 43.39 2.36 32.96
N GLN B 89 43.30 3.55 33.53
CA GLN B 89 44.08 4.69 33.05
C GLN B 89 45.58 4.36 32.92
N ALA B 90 46.10 3.55 33.84
CA ALA B 90 47.49 3.18 33.83
C ALA B 90 47.86 2.36 32.62
N VAL B 91 46.84 1.83 31.93
CA VAL B 91 47.08 1.01 30.75
C VAL B 91 46.97 1.78 29.44
N PHE B 92 46.33 2.94 29.48
CA PHE B 92 46.15 3.77 28.29
C PHE B 92 46.72 5.18 28.42
N HIS B 93 47.58 5.36 29.41
CA HIS B 93 48.22 6.64 29.66
C HIS B 93 49.31 6.88 28.61
N ASN B 94 49.23 8.01 27.93
CA ASN B 94 50.19 8.37 26.88
C ASN B 94 50.15 7.35 25.76
N VAL B 95 49.02 6.67 25.63
CA VAL B 95 48.87 5.66 24.58
C VAL B 95 48.13 6.27 23.40
N SER B 96 48.61 5.99 22.20
CA SER B 96 47.98 6.50 21.00
C SER B 96 48.25 5.56 19.82
N THR B 97 47.29 5.44 18.90
CA THR B 97 47.47 4.55 17.77
C THR B 97 48.22 5.21 16.63
N THR B 98 48.92 4.40 15.84
CA THR B 98 49.67 4.92 14.71
C THR B 98 49.03 4.48 13.40
N ILE B 99 47.74 4.16 13.47
CA ILE B 99 47.00 3.74 12.29
C ILE B 99 46.48 4.95 11.54
N THR B 100 46.64 4.95 10.23
CA THR B 100 46.19 6.06 9.40
C THR B 100 45.20 5.62 8.33
N GLU B 101 45.33 4.37 7.87
CA GLU B 101 44.43 3.83 6.87
C GLU B 101 43.14 3.33 7.50
N PRO B 102 42.02 4.07 7.33
CA PRO B 102 40.72 3.70 7.89
C PRO B 102 40.21 2.33 7.49
N LYS B 103 40.58 1.85 6.32
CA LYS B 103 40.14 0.52 5.91
C LYS B 103 40.88 -0.57 6.70
N GLN B 104 42.09 -0.24 7.16
CA GLN B 104 42.93 -1.16 7.91
C GLN B 104 42.48 -1.42 9.34
N ILE B 105 41.97 -0.40 10.01
CA ILE B 105 41.52 -0.58 11.37
C ILE B 105 40.26 -1.44 11.36
N THR B 106 39.35 -1.12 10.43
CA THR B 106 38.11 -1.88 10.30
C THR B 106 38.45 -3.35 10.05
N ALA B 107 39.49 -3.59 9.26
CA ALA B 107 39.92 -4.95 8.94
C ALA B 107 40.60 -5.63 10.12
N LEU B 108 41.17 -4.83 11.02
CA LEU B 108 41.87 -5.36 12.18
C LEU B 108 40.91 -5.74 13.29
N VAL B 109 40.10 -4.78 13.70
CA VAL B 109 39.14 -5.00 14.76
C VAL B 109 38.26 -6.20 14.47
N SER B 110 37.76 -6.31 13.25
CA SER B 110 36.91 -7.43 12.91
C SER B 110 37.68 -8.72 12.83
N ASN B 111 38.93 -8.61 12.44
CA ASN B 111 39.77 -9.78 12.33
C ASN B 111 39.90 -10.49 13.66
N ASP B 113 38.22 -9.85 16.29
CA ASP B 113 36.95 -9.98 16.95
C ASP B 113 36.52 -11.42 16.75
N SER B 114 36.90 -11.99 15.61
CA SER B 114 36.54 -13.37 15.34
C SER B 114 37.70 -14.33 15.63
N LEU B 115 38.60 -13.94 16.54
CA LEU B 115 39.72 -14.78 16.90
C LEU B 115 39.29 -15.68 18.06
N ASP B 116 40.09 -16.71 18.34
CA ASP B 116 39.82 -17.66 19.43
C ASP B 116 40.71 -17.35 20.64
N TRP B 117 40.45 -18.03 21.75
CA TRP B 117 41.23 -17.82 22.97
C TRP B 117 42.74 -17.93 22.72
N GLN B 150 26.97 -21.30 4.10
CA GLN B 150 26.00 -22.06 4.90
C GLN B 150 24.56 -21.71 4.54
N TYR B 151 24.33 -21.48 3.25
CA TYR B 151 23.01 -21.13 2.72
C TYR B 151 21.97 -22.25 2.80
N PHE B 152 21.59 -22.60 4.02
CA PHE B 152 20.59 -23.63 4.28
C PHE B 152 19.62 -23.05 5.28
N THR B 153 18.33 -23.22 5.02
CA THR B 153 17.32 -22.70 5.94
C THR B 153 16.26 -23.78 6.10
N PRO B 154 15.94 -24.15 7.34
CA PRO B 154 14.93 -25.17 7.56
C PRO B 154 13.67 -24.93 6.70
N ARG B 155 13.37 -25.89 5.84
CA ARG B 155 12.21 -25.84 4.96
C ARG B 155 10.96 -25.40 5.74
N PRO B 156 10.68 -26.07 6.86
CA PRO B 156 9.49 -25.66 7.60
C PRO B 156 9.49 -24.18 8.03
N LEU B 157 10.66 -23.57 8.09
CA LEU B 157 10.82 -22.19 8.49
C LEU B 157 10.44 -21.31 7.30
N ILE B 158 10.92 -21.71 6.12
CA ILE B 158 10.61 -20.98 4.92
C ILE B 158 9.10 -21.01 4.70
N LYS B 159 8.54 -22.21 4.66
CA LYS B 159 7.11 -22.34 4.47
C LYS B 159 6.37 -21.41 5.45
N THR B 160 6.72 -21.48 6.73
CA THR B 160 6.07 -20.67 7.75
C THR B 160 6.22 -19.17 7.53
N ILE B 161 7.42 -18.76 7.17
CA ILE B 161 7.65 -17.36 6.95
C ILE B 161 6.76 -16.87 5.80
N ILE B 162 6.74 -17.57 4.66
CA ILE B 162 5.90 -17.13 3.55
C ILE B 162 4.41 -17.22 3.87
N HIS B 163 4.04 -18.19 4.69
CA HIS B 163 2.67 -18.39 5.08
C HIS B 163 2.17 -17.20 5.92
N LEU B 164 3.03 -16.63 6.74
CA LEU B 164 2.65 -15.51 7.58
C LEU B 164 2.74 -14.19 6.83
N LEU B 165 3.52 -14.15 5.75
CA LEU B 165 3.63 -12.91 4.97
C LEU B 165 2.49 -12.84 3.97
N LYS B 166 1.98 -14.01 3.58
CA LYS B 166 0.89 -14.12 2.61
C LYS B 166 1.08 -13.23 1.39
N PRO B 167 2.11 -13.49 0.58
CA PRO B 167 2.32 -12.66 -0.60
C PRO B 167 1.19 -12.74 -1.63
N GLN B 168 0.74 -11.59 -2.11
CA GLN B 168 -0.35 -11.55 -3.08
C GLN B 168 0.21 -11.25 -4.46
N PRO B 169 -0.55 -11.57 -5.51
CA PRO B 169 0.02 -11.23 -6.82
C PRO B 169 0.15 -9.71 -6.96
N ARG B 170 1.06 -9.29 -7.84
CA ARG B 170 1.33 -7.88 -8.08
C ARG B 170 2.22 -7.28 -7.00
N GLU B 171 2.57 -8.10 -6.01
CA GLU B 171 3.46 -7.65 -4.95
C GLU B 171 4.86 -8.14 -5.31
N VAL B 172 5.82 -7.23 -5.25
CA VAL B 172 7.21 -7.52 -5.54
C VAL B 172 7.87 -8.06 -4.27
N VAL B 173 8.32 -9.30 -4.34
CA VAL B 173 8.98 -9.96 -3.21
C VAL B 173 10.49 -9.98 -3.44
N GLN B 174 11.24 -9.35 -2.55
CA GLN B 174 12.68 -9.32 -2.71
C GLN B 174 13.45 -10.18 -1.71
N ASP B 175 14.64 -10.63 -2.12
CA ASP B 175 15.53 -11.41 -1.25
C ASP B 175 16.98 -10.95 -1.46
N PRO B 176 17.48 -10.06 -0.58
CA PRO B 176 18.84 -9.50 -0.61
C PRO B 176 19.91 -10.56 -0.55
N ALA B 177 19.60 -11.68 0.08
CA ALA B 177 20.54 -12.79 0.20
C ALA B 177 19.89 -14.05 -0.36
N ALA B 178 19.46 -13.97 -1.62
CA ALA B 178 18.79 -15.04 -2.32
C ALA B 178 19.32 -16.44 -2.02
N GLY B 179 20.63 -16.62 -2.11
CA GLY B 179 21.17 -17.94 -1.88
C GLY B 179 20.71 -18.78 -3.07
N THR B 180 20.02 -19.87 -2.80
CA THR B 180 19.52 -20.70 -3.88
C THR B 180 18.06 -20.37 -4.20
N ALA B 181 17.63 -19.16 -3.83
CA ALA B 181 16.28 -18.68 -4.09
C ALA B 181 15.20 -19.45 -3.34
N GLY B 182 15.55 -19.95 -2.17
CA GLY B 182 14.57 -20.69 -1.39
C GLY B 182 13.29 -19.92 -1.02
N PHE B 183 13.43 -18.68 -0.56
CA PHE B 183 12.25 -17.91 -0.18
C PHE B 183 11.41 -17.47 -1.36
N LEU B 184 12.07 -17.13 -2.45
CA LEU B 184 11.37 -16.69 -3.63
C LEU B 184 10.56 -17.84 -4.24
N ILE B 185 11.17 -19.02 -4.34
CA ILE B 185 10.48 -20.16 -4.90
C ILE B 185 9.23 -20.44 -4.07
N GLU B 186 9.36 -20.41 -2.75
CA GLU B 186 8.24 -20.66 -1.88
C GLU B 186 7.19 -19.56 -1.97
N ALA B 187 7.64 -18.33 -2.13
CA ALA B 187 6.69 -17.24 -2.22
C ALA B 187 5.88 -17.44 -3.49
N ASP B 188 6.55 -17.85 -4.56
CA ASP B 188 5.89 -18.06 -5.83
C ASP B 188 4.93 -19.23 -5.72
N ARG B 189 5.34 -20.28 -5.02
CA ARG B 189 4.50 -21.46 -4.84
C ARG B 189 3.20 -21.09 -4.11
N TYR B 190 3.34 -20.24 -3.09
CA TYR B 190 2.20 -19.80 -2.32
C TYR B 190 1.27 -19.00 -3.22
N VAL B 191 1.81 -18.09 -4.01
CA VAL B 191 0.96 -17.30 -4.87
C VAL B 191 0.23 -18.20 -5.85
N LYS B 192 0.93 -19.17 -6.41
CA LYS B 192 0.29 -20.07 -7.36
C LYS B 192 -0.79 -20.93 -6.72
N SER B 193 -0.62 -21.26 -5.45
CA SER B 193 -1.60 -22.08 -4.76
C SER B 193 -2.87 -21.30 -4.42
N GLN B 194 -2.88 -20.01 -4.71
CA GLN B 194 -4.04 -19.19 -4.39
C GLN B 194 -4.66 -18.62 -5.64
N THR B 195 -4.11 -19.00 -6.79
CA THR B 195 -4.59 -18.49 -8.04
C THR B 195 -4.64 -19.54 -9.13
N ASN B 196 -4.76 -20.81 -8.75
CA ASN B 196 -4.79 -21.89 -9.74
C ASN B 196 -3.62 -21.78 -10.70
N ASP B 197 -2.41 -21.68 -10.16
CA ASP B 197 -1.21 -21.54 -10.98
C ASP B 197 -1.26 -20.38 -11.95
N LEU B 198 -1.71 -19.24 -11.43
CA LEU B 198 -1.81 -18.02 -12.21
C LEU B 198 -2.97 -17.95 -13.17
N ASP B 199 -3.72 -19.04 -13.29
CA ASP B 199 -4.86 -19.10 -14.19
C ASP B 199 -6.04 -18.21 -13.79
N ASP B 200 -6.07 -17.75 -12.55
CA ASP B 200 -7.16 -16.90 -12.10
C ASP B 200 -6.84 -15.47 -12.43
N LEU B 201 -5.63 -15.24 -12.94
CA LEU B 201 -5.20 -13.89 -13.24
C LEU B 201 -5.11 -13.59 -14.73
N ASP B 202 -5.30 -12.33 -15.09
CA ASP B 202 -5.20 -11.95 -16.48
C ASP B 202 -3.77 -12.06 -16.95
N GLY B 203 -3.61 -12.39 -18.22
CA GLY B 203 -2.29 -12.53 -18.81
C GLY B 203 -1.28 -11.50 -18.38
N ASP B 204 -1.67 -10.23 -18.25
CA ASP B 204 -0.71 -9.21 -17.87
C ASP B 204 -0.18 -9.40 -16.47
N THR B 205 -1.06 -9.81 -15.57
CA THR B 205 -0.65 -10.02 -14.20
C THR B 205 0.23 -11.27 -14.15
N GLN B 206 -0.05 -12.21 -15.05
CA GLN B 206 0.75 -13.43 -15.11
C GLN B 206 2.16 -13.07 -15.53
N ASP B 207 2.27 -12.17 -16.49
CA ASP B 207 3.58 -11.73 -16.95
C ASP B 207 4.35 -11.05 -15.81
N PHE B 208 3.62 -10.32 -14.98
CA PHE B 208 4.21 -9.62 -13.85
C PHE B 208 4.81 -10.63 -12.89
N GLN B 209 4.03 -11.66 -12.56
CA GLN B 209 4.46 -12.70 -11.64
C GLN B 209 5.62 -13.49 -12.21
N ILE B 210 5.71 -13.56 -13.52
CA ILE B 210 6.77 -14.31 -14.16
C ILE B 210 8.04 -13.52 -14.30
N HIS B 211 7.92 -12.23 -14.58
CA HIS B 211 9.08 -11.37 -14.79
C HIS B 211 9.37 -10.30 -13.75
N ARG B 212 8.40 -9.88 -12.96
CA ARG B 212 8.68 -8.80 -12.04
C ARG B 212 8.36 -9.02 -10.57
N ALA B 213 7.56 -10.04 -10.28
CA ALA B 213 7.15 -10.31 -8.92
C ALA B 213 8.26 -10.70 -7.97
N PHE B 214 9.26 -11.44 -8.44
CA PHE B 214 10.33 -11.87 -7.57
C PHE B 214 11.70 -11.42 -8.00
N ILE B 215 12.47 -10.94 -7.04
CA ILE B 215 13.80 -10.48 -7.32
C ILE B 215 14.75 -10.92 -6.21
N GLY B 216 15.95 -11.32 -6.62
CA GLY B 216 16.94 -11.74 -5.67
C GLY B 216 18.28 -11.15 -6.04
N LEU B 217 19.24 -11.27 -5.12
CA LEU B 217 20.59 -10.77 -5.31
C LEU B 217 21.54 -11.73 -4.58
N GLU B 218 22.51 -12.30 -5.30
CA GLU B 218 23.46 -13.25 -4.70
C GLU B 218 24.88 -12.81 -5.03
N LEU B 219 25.76 -12.85 -4.03
CA LEU B 219 27.14 -12.45 -4.20
C LEU B 219 27.99 -13.49 -4.90
N VAL B 220 27.88 -14.73 -4.45
CA VAL B 220 28.66 -15.81 -5.02
C VAL B 220 28.10 -16.30 -6.35
N PRO B 221 28.80 -16.03 -7.44
CA PRO B 221 28.35 -16.44 -8.78
C PRO B 221 27.99 -17.92 -8.89
N GLY B 222 28.72 -18.77 -8.17
CA GLY B 222 28.44 -20.19 -8.23
C GLY B 222 27.07 -20.47 -7.68
N THR B 223 26.77 -19.87 -6.53
CA THR B 223 25.48 -20.05 -5.91
C THR B 223 24.38 -19.42 -6.76
N ARG B 224 24.63 -18.23 -7.27
CA ARG B 224 23.64 -17.55 -8.10
C ARG B 224 23.25 -18.42 -9.30
N ARG B 225 24.20 -19.17 -9.83
CA ARG B 225 23.93 -20.05 -10.96
C ARG B 225 22.90 -21.11 -10.55
N LEU B 226 23.19 -21.81 -9.46
CA LEU B 226 22.30 -22.81 -8.96
C LEU B 226 20.93 -22.17 -8.74
N ALA B 227 20.91 -20.97 -8.17
CA ALA B 227 19.65 -20.25 -7.90
C ALA B 227 18.88 -19.93 -9.20
N LEU B 228 19.64 -19.59 -10.23
CA LEU B 228 19.07 -19.26 -11.52
C LEU B 228 18.41 -20.47 -12.16
N ASN B 230 17.24 -22.92 -10.49
CA ASN B 230 16.11 -23.21 -9.62
C ASN B 230 14.85 -22.45 -10.05
N CYS B 231 14.97 -21.15 -10.30
CA CYS B 231 13.84 -20.33 -10.71
C CYS B 231 13.34 -20.71 -12.07
N LEU B 232 14.30 -20.95 -12.96
CA LEU B 232 14.04 -21.32 -14.33
C LEU B 232 13.13 -22.55 -14.44
N LEU B 233 13.44 -23.59 -13.69
CA LEU B 233 12.62 -24.79 -13.71
C LEU B 233 11.34 -24.57 -12.88
N HIS B 234 11.21 -23.39 -12.29
CA HIS B 234 10.01 -23.11 -11.52
C HIS B 234 9.21 -22.06 -12.26
N ASP B 235 9.65 -21.80 -13.49
CA ASP B 235 9.00 -20.86 -14.38
C ASP B 235 9.09 -19.41 -13.93
N ILE B 236 10.18 -19.07 -13.28
CA ILE B 236 10.42 -17.72 -12.80
C ILE B 236 11.53 -17.14 -13.68
N GLU B 237 11.13 -16.36 -14.69
CA GLU B 237 12.07 -15.77 -15.63
C GLU B 237 12.71 -14.47 -15.19
N GLY B 238 12.00 -13.64 -14.45
CA GLY B 238 12.62 -12.41 -14.02
C GLY B 238 12.99 -11.49 -15.18
N ASN B 239 14.02 -10.69 -14.99
CA ASN B 239 14.47 -9.72 -15.97
C ASN B 239 15.70 -10.15 -16.76
N LEU B 240 15.52 -10.34 -18.06
CA LEU B 240 16.61 -10.78 -18.93
C LEU B 240 17.82 -9.87 -18.94
N ASP B 241 17.62 -8.60 -18.63
CA ASP B 241 18.74 -7.66 -18.60
C ASP B 241 19.75 -8.02 -17.53
N HIS B 242 19.29 -8.71 -16.50
CA HIS B 242 20.16 -9.07 -15.41
C HIS B 242 20.42 -10.58 -15.31
N GLY B 243 20.01 -11.30 -16.33
CA GLY B 243 20.22 -12.73 -16.33
C GLY B 243 19.03 -13.52 -15.83
N GLY B 244 18.10 -12.87 -15.13
CA GLY B 244 16.94 -13.59 -14.63
C GLY B 244 16.45 -13.05 -13.31
N ALA B 245 15.73 -13.86 -12.55
CA ALA B 245 15.20 -13.41 -11.27
C ALA B 245 16.27 -13.08 -10.26
N ILE B 246 17.34 -13.86 -10.20
CA ILE B 246 18.40 -13.59 -9.25
C ILE B 246 19.53 -12.81 -9.92
N ARG B 247 19.78 -11.62 -9.43
CA ARG B 247 20.86 -10.82 -9.98
C ARG B 247 22.15 -11.13 -9.23
N LEU B 248 23.27 -10.93 -9.91
CA LEU B 248 24.59 -11.20 -9.36
C LEU B 248 25.23 -9.91 -8.88
N GLY B 249 25.55 -9.86 -7.59
CA GLY B 249 26.16 -8.68 -7.03
C GLY B 249 26.17 -8.60 -5.50
N ASN B 250 26.68 -7.48 -5.00
CA ASN B 250 26.81 -7.24 -3.56
C ASN B 250 25.72 -6.32 -2.99
N THR B 251 24.92 -6.89 -2.09
CA THR B 251 23.84 -6.16 -1.46
C THR B 251 24.37 -4.96 -0.67
N LEU B 252 25.60 -5.08 -0.17
CA LEU B 252 26.20 -3.99 0.58
C LEU B 252 27.05 -3.11 -0.33
N GLY B 253 26.88 -3.29 -1.64
CA GLY B 253 27.62 -2.50 -2.59
C GLY B 253 26.72 -1.68 -3.47
N SER B 254 27.20 -1.39 -4.68
CA SER B 254 26.44 -0.60 -5.65
C SER B 254 25.21 -1.35 -6.09
N ASP B 255 25.33 -2.66 -6.27
CA ASP B 255 24.22 -3.48 -6.69
C ASP B 255 23.07 -3.43 -5.73
N GLY B 256 23.39 -3.32 -4.46
CA GLY B 256 22.38 -3.27 -3.43
C GLY B 256 21.46 -2.06 -3.58
N GLU B 257 22.01 -0.88 -3.78
CA GLU B 257 21.16 0.29 -3.93
C GLU B 257 20.53 0.44 -5.30
N ASN B 258 21.02 -0.33 -6.26
CA ASN B 258 20.48 -0.30 -7.61
C ASN B 258 19.32 -1.28 -7.71
N LEU B 259 19.04 -1.96 -6.61
CA LEU B 259 17.98 -2.95 -6.59
C LEU B 259 16.65 -2.22 -6.47
N PRO B 260 15.61 -2.69 -7.16
CA PRO B 260 14.29 -2.03 -7.08
C PRO B 260 13.57 -2.25 -5.75
N LYS B 261 12.79 -1.26 -5.31
CA LYS B 261 12.04 -1.34 -4.06
C LYS B 261 11.18 -2.58 -4.06
N ALA B 262 10.58 -2.90 -2.91
CA ALA B 262 9.77 -4.10 -2.79
C ALA B 262 8.59 -3.99 -1.83
N HIS B 263 7.54 -4.79 -2.05
CA HIS B 263 6.39 -4.75 -1.15
C HIS B 263 6.62 -5.69 0.02
N ILE B 264 7.35 -6.78 -0.27
CA ILE B 264 7.65 -7.81 0.70
C ILE B 264 9.13 -8.21 0.66
N VAL B 265 9.70 -8.54 1.81
CA VAL B 265 11.09 -8.98 1.88
C VAL B 265 11.19 -10.15 2.83
N ALA B 266 11.64 -11.31 2.35
CA ALA B 266 11.80 -12.50 3.21
C ALA B 266 13.20 -12.94 2.92
N THR B 267 14.05 -12.93 3.93
CA THR B 267 15.43 -13.28 3.68
C THR B 267 16.13 -13.84 4.94
N ASN B 268 17.22 -14.57 4.72
CA ASN B 268 18.02 -15.14 5.80
C ASN B 268 19.45 -14.73 5.43
N PRO B 269 19.85 -13.47 5.69
CA PRO B 269 21.20 -13.05 5.35
C PRO B 269 22.27 -13.88 6.03
N PRO B 270 23.51 -13.84 5.50
CA PRO B 270 24.64 -14.58 6.04
C PRO B 270 25.00 -14.25 7.48
N PHE B 271 25.47 -15.28 8.18
CA PHE B 271 25.88 -15.16 9.56
C PHE B 271 27.38 -14.83 9.60
N GLY B 272 27.85 -14.47 10.78
CA GLY B 272 29.24 -14.14 10.97
C GLY B 272 29.67 -12.95 10.14
N SER B 273 30.98 -12.78 9.97
CA SER B 273 31.48 -11.68 9.18
C SER B 273 31.27 -11.92 7.68
N ALA B 274 30.43 -12.91 7.36
CA ALA B 274 30.09 -13.29 5.99
C ALA B 274 31.32 -13.52 5.08
N ALA B 275 31.08 -13.76 3.79
CA ALA B 275 32.16 -13.99 2.84
C ALA B 275 32.76 -12.65 2.39
N GLY B 276 33.41 -12.66 1.21
CA GLY B 276 34.02 -11.45 0.69
C GLY B 276 33.01 -10.40 0.27
N THR B 277 32.47 -9.70 1.26
CA THR B 277 31.48 -8.66 1.02
C THR B 277 31.89 -7.32 1.64
N ASN B 278 32.58 -6.51 0.87
CA ASN B 278 33.01 -5.19 1.33
C ASN B 278 31.84 -4.23 1.36
N ILE B 279 31.68 -3.53 2.47
CA ILE B 279 30.59 -2.58 2.62
C ILE B 279 30.93 -1.25 1.98
N THR B 280 30.88 -1.20 0.66
CA THR B 280 31.20 0.00 -0.07
C THR B 280 29.94 0.81 -0.37
N ARG B 281 29.06 0.93 0.62
CA ARG B 281 27.81 1.65 0.43
C ARG B 281 27.53 2.42 1.71
N THR B 282 27.01 3.62 1.60
CA THR B 282 26.77 4.36 2.81
C THR B 282 25.37 4.11 3.34
N PHE B 283 25.26 3.92 4.65
CA PHE B 283 23.97 3.69 5.27
C PHE B 283 23.68 4.77 6.30
N VAL B 284 22.43 4.83 6.74
CA VAL B 284 22.02 5.82 7.72
C VAL B 284 22.92 5.76 8.96
N HIS B 285 23.45 4.58 9.25
CA HIS B 285 24.34 4.38 10.39
C HIS B 285 25.44 3.39 9.99
N PRO B 286 26.55 3.89 9.44
CA PRO B 286 27.68 3.04 9.04
C PRO B 286 28.09 2.06 10.13
N THR B 287 28.24 0.79 9.76
CA THR B 287 28.60 -0.26 10.71
C THR B 287 29.53 -1.28 10.09
N SER B 288 30.18 -2.06 10.93
CA SER B 288 31.08 -3.10 10.44
C SER B 288 30.36 -4.42 10.57
N ASN B 289 29.13 -4.34 11.05
CA ASN B 289 28.33 -5.52 11.25
C ASN B 289 27.55 -5.85 9.99
N LYS B 290 27.97 -6.89 9.29
CA LYS B 290 27.30 -7.27 8.05
C LYS B 290 25.79 -7.42 8.22
N GLN B 291 25.37 -8.12 9.28
CA GLN B 291 23.97 -8.37 9.50
C GLN B 291 23.18 -7.09 9.71
N LEU B 292 23.74 -6.17 10.50
CA LEU B 292 23.07 -4.90 10.74
C LEU B 292 23.03 -4.04 9.48
N CYS B 293 23.88 -4.35 8.51
CA CYS B 293 23.91 -3.62 7.26
C CYS B 293 22.74 -4.10 6.43
N PHE B 294 22.53 -5.41 6.44
CA PHE B 294 21.42 -5.96 5.70
C PHE B 294 20.13 -5.37 6.24
N GLN B 296 19.63 -2.48 7.49
CA GLN B 296 19.48 -1.12 6.98
C GLN B 296 19.03 -1.13 5.52
N HIS B 297 19.53 -2.08 4.74
CA HIS B 297 19.12 -2.21 3.36
C HIS B 297 17.65 -2.58 3.26
N ILE B 298 17.24 -3.59 4.03
CA ILE B 298 15.87 -4.07 4.04
C ILE B 298 14.91 -2.95 4.43
N ILE B 299 15.31 -2.11 5.38
CA ILE B 299 14.46 -1.00 5.80
C ILE B 299 14.26 0.02 4.67
N GLU B 300 15.33 0.22 3.90
CA GLU B 300 15.38 1.14 2.76
C GLU B 300 14.58 0.74 1.52
N THR B 301 14.75 -0.49 1.03
CA THR B 301 14.01 -0.95 -0.16
C THR B 301 12.53 -1.14 0.00
N LEU B 302 12.06 -1.29 1.23
CA LEU B 302 10.64 -1.50 1.43
C LEU B 302 9.79 -0.30 1.08
N HIS B 303 8.76 -0.51 0.26
CA HIS B 303 7.85 0.57 -0.08
C HIS B 303 7.14 0.92 1.22
N PRO B 304 6.54 2.12 1.28
CA PRO B 304 5.84 2.51 2.50
C PRO B 304 4.71 1.48 2.68
N GLY B 305 4.58 0.94 3.88
CA GLY B 305 3.55 -0.05 4.10
C GLY B 305 4.06 -1.46 3.82
N GLY B 306 5.29 -1.54 3.36
CA GLY B 306 5.86 -2.83 3.08
C GLY B 306 5.95 -3.70 4.33
N ARG B 307 6.21 -4.99 4.13
CA ARG B 307 6.33 -5.91 5.24
C ARG B 307 7.48 -6.85 5.01
N ALA B 308 8.07 -7.33 6.10
CA ALA B 308 9.21 -8.21 5.98
C ALA B 308 9.30 -9.16 7.16
N ALA B 309 10.07 -10.23 6.94
CA ALA B 309 10.36 -11.27 7.91
C ALA B 309 11.84 -11.52 7.65
N VAL B 310 12.67 -11.25 8.65
CA VAL B 310 14.10 -11.44 8.49
C VAL B 310 14.68 -12.33 9.57
N VAL B 311 15.39 -13.38 9.13
CA VAL B 311 16.04 -14.30 10.04
C VAL B 311 17.35 -13.66 10.46
N VAL B 312 17.52 -13.46 11.77
CA VAL B 312 18.73 -12.83 12.28
C VAL B 312 19.35 -13.53 13.50
N PRO B 313 20.65 -13.27 13.76
CA PRO B 313 21.38 -13.86 14.89
C PRO B 313 21.12 -13.05 16.15
N ASP B 314 21.38 -13.64 17.31
CA ASP B 314 21.15 -12.92 18.56
C ASP B 314 21.90 -11.60 18.61
N ASN B 315 23.11 -11.54 18.06
CA ASN B 315 23.90 -10.31 18.09
C ASN B 315 23.13 -9.05 17.69
N VAL B 316 22.41 -9.15 16.57
CA VAL B 316 21.60 -8.06 16.03
C VAL B 316 20.66 -7.49 17.09
N LEU B 317 20.22 -8.36 17.98
CA LEU B 317 19.29 -7.94 19.03
C LEU B 317 19.95 -7.27 20.21
N PHE B 318 21.13 -7.73 20.61
CA PHE B 318 21.82 -7.18 21.77
C PHE B 318 23.04 -6.31 21.53
N GLU B 319 23.70 -6.45 20.39
CA GLU B 319 24.89 -5.66 20.09
C GLU B 319 24.72 -4.20 20.49
N GLY B 320 25.79 -3.59 20.98
CA GLY B 320 25.70 -2.19 21.37
C GLY B 320 26.33 -1.27 20.35
N GLY B 321 26.73 -0.08 20.79
CA GLY B 321 27.35 0.87 19.88
C GLY B 321 26.41 1.28 18.77
N LYS B 322 26.82 1.07 17.52
CA LYS B 322 25.97 1.43 16.39
C LYS B 322 24.77 0.50 16.37
N GLY B 323 24.92 -0.68 16.96
CA GLY B 323 23.83 -1.64 17.01
C GLY B 323 22.59 -1.08 17.67
N THR B 324 22.79 -0.26 18.69
CA THR B 324 21.69 0.35 19.42
C THR B 324 21.02 1.42 18.56
N ASP B 325 21.83 2.15 17.80
CA ASP B 325 21.33 3.22 16.94
C ASP B 325 20.47 2.64 15.82
N ILE B 326 20.95 1.58 15.19
CA ILE B 326 20.23 0.95 14.10
C ILE B 326 18.94 0.27 14.59
N ARG B 327 18.94 -0.22 15.81
CA ARG B 327 17.78 -0.89 16.37
C ARG B 327 16.72 0.13 16.69
N ARG B 328 17.17 1.33 17.06
CA ARG B 328 16.26 2.44 17.38
C ARG B 328 15.71 3.00 16.07
N ASP B 329 16.53 2.91 15.03
CA ASP B 329 16.17 3.39 13.70
C ASP B 329 15.08 2.45 13.18
N LEU B 330 15.29 1.15 13.35
CA LEU B 330 14.33 0.17 12.89
C LEU B 330 12.97 0.38 13.55
N ASP B 332 11.87 2.98 14.70
CA ASP B 332 11.36 4.30 14.42
C ASP B 332 10.68 4.27 13.06
N LYS B 333 11.44 3.86 12.04
CA LYS B 333 10.98 3.80 10.68
C LYS B 333 10.03 2.66 10.36
N CYS B 334 10.07 1.62 11.21
CA CYS B 334 9.25 0.42 11.04
C CYS B 334 8.46 0.09 12.27
N HIS B 335 7.43 -0.70 12.05
CA HIS B 335 6.58 -1.14 13.12
C HIS B 335 6.89 -2.61 13.39
N LEU B 336 7.91 -2.85 14.21
CA LEU B 336 8.32 -4.21 14.59
C LEU B 336 7.25 -4.70 15.53
N HIS B 337 6.58 -5.76 15.15
CA HIS B 337 5.50 -6.25 15.99
C HIS B 337 5.72 -7.64 16.56
N THR B 338 6.53 -8.45 15.89
CA THR B 338 6.74 -9.80 16.35
C THR B 338 8.17 -10.29 16.26
N ILE B 339 8.60 -10.99 17.30
CA ILE B 339 9.93 -11.56 17.33
C ILE B 339 9.86 -13.03 17.71
N LEU B 340 10.33 -13.89 16.82
CA LEU B 340 10.34 -15.33 17.05
C LEU B 340 11.77 -15.77 17.35
N ARG B 341 11.98 -16.30 18.56
CA ARG B 341 13.31 -16.77 18.96
C ARG B 341 13.38 -18.26 18.64
N LEU B 342 14.13 -18.60 17.60
CA LEU B 342 14.26 -19.97 17.14
C LEU B 342 15.07 -20.89 18.04
N PRO B 343 14.87 -22.22 17.92
CA PRO B 343 15.59 -23.19 18.74
C PRO B 343 17.04 -23.28 18.24
N THR B 344 17.77 -24.26 18.75
CA THR B 344 19.14 -24.45 18.30
C THR B 344 19.25 -25.82 17.67
N GLY B 345 20.22 -25.95 16.75
CA GLY B 345 20.42 -27.21 16.08
C GLY B 345 19.50 -27.46 14.91
N ILE B 346 18.84 -26.40 14.41
CA ILE B 346 17.93 -26.53 13.28
C ILE B 346 18.68 -26.10 12.03
N PHE B 347 19.84 -25.49 12.24
CA PHE B 347 20.67 -25.03 11.12
C PHE B 347 21.87 -25.95 10.95
N TYR B 348 22.32 -26.11 9.71
CA TYR B 348 23.46 -26.96 9.42
C TYR B 348 24.63 -26.55 10.29
N ALA B 349 24.61 -25.30 10.77
CA ALA B 349 25.66 -24.82 11.66
C ALA B 349 25.41 -25.56 12.98
N GLN B 350 25.30 -24.84 14.09
CA GLN B 350 25.04 -25.52 15.37
C GLN B 350 24.85 -24.54 16.53
N GLY B 351 25.98 -23.98 16.99
CA GLY B 351 25.93 -23.04 18.10
C GLY B 351 25.57 -21.64 17.67
N VAL B 352 24.51 -21.52 16.89
CA VAL B 352 24.05 -20.22 16.43
C VAL B 352 22.64 -19.96 16.90
N LYS B 353 22.49 -18.88 17.67
CA LYS B 353 21.19 -18.50 18.18
C LYS B 353 20.54 -17.60 17.12
N THR B 354 19.39 -18.00 16.63
CA THR B 354 18.74 -17.23 15.59
C THR B 354 17.33 -16.82 15.93
N ASN B 355 16.88 -15.75 15.29
CA ASN B 355 15.52 -15.27 15.51
C ASN B 355 14.93 -14.84 14.18
N VAL B 356 13.66 -14.48 14.21
CA VAL B 356 12.97 -14.01 13.01
C VAL B 356 12.23 -12.75 13.41
N LEU B 357 12.57 -11.62 12.82
CA LEU B 357 11.90 -10.38 13.12
C LEU B 357 10.80 -10.14 12.07
N PHE B 358 9.63 -9.76 12.53
CA PHE B 358 8.51 -9.48 11.65
C PHE B 358 8.13 -8.02 11.85
N PHE B 359 8.13 -7.25 10.77
CA PHE B 359 7.81 -5.83 10.89
C PHE B 359 7.31 -5.23 9.60
N THR B 360 6.69 -4.06 9.74
CA THR B 360 6.11 -3.32 8.64
C THR B 360 6.81 -1.97 8.45
N LYS B 361 7.00 -1.56 7.20
CA LYS B 361 7.62 -0.27 6.89
C LYS B 361 6.55 0.79 7.22
N GLY B 362 6.81 1.60 8.25
CA GLY B 362 5.82 2.59 8.64
C GLY B 362 4.71 1.84 9.34
N THR B 363 3.47 2.30 9.24
CA THR B 363 2.36 1.59 9.87
C THR B 363 1.24 1.42 8.86
N VAL B 364 0.37 0.46 9.07
CA VAL B 364 -0.73 0.24 8.17
C VAL B 364 -1.54 1.52 8.03
N ALA B 365 -1.78 2.18 9.16
CA ALA B 365 -2.55 3.43 9.14
C ALA B 365 -1.82 4.60 8.49
N ASN B 366 -0.51 4.68 8.71
CA ASN B 366 0.30 5.75 8.13
C ASN B 366 1.55 5.15 7.54
N PRO B 367 1.44 4.67 6.29
CA PRO B 367 2.52 4.05 5.52
C PRO B 367 3.77 4.89 5.42
N ASN B 368 3.68 6.17 5.75
CA ASN B 368 4.85 7.01 5.63
C ASN B 368 5.45 7.50 6.91
N GLN B 369 4.88 7.06 8.02
CA GLN B 369 5.37 7.48 9.31
C GLN B 369 6.88 7.25 9.46
N ASP B 370 7.57 8.28 9.94
CA ASP B 370 9.01 8.27 10.10
C ASP B 370 9.50 7.92 11.50
N LYS B 371 8.62 8.10 12.48
CA LYS B 371 8.99 7.86 13.85
C LYS B 371 7.94 7.21 14.71
N ASN B 372 8.39 6.66 15.83
CA ASN B 372 7.50 6.01 16.79
C ASN B 372 6.54 5.00 16.20
N CYS B 373 6.98 4.30 15.16
CA CYS B 373 6.14 3.32 14.52
C CYS B 373 5.89 2.10 15.39
N THR B 374 6.91 1.71 16.12
CA THR B 374 6.80 0.55 16.98
C THR B 374 6.20 0.94 18.31
N ASP B 375 5.24 0.14 18.78
CA ASP B 375 4.60 0.37 20.06
C ASP B 375 4.69 -0.89 20.93
N ASP B 376 4.01 -1.95 20.53
CA ASP B 376 4.05 -3.19 21.28
C ASP B 376 4.78 -4.27 20.51
N VAL B 377 5.74 -4.93 21.15
CA VAL B 377 6.47 -6.00 20.48
C VAL B 377 6.13 -7.33 21.13
N TRP B 378 5.67 -8.28 20.31
CA TRP B 378 5.35 -9.62 20.77
C TRP B 378 6.51 -10.56 20.52
N VAL B 379 6.88 -11.31 21.54
CA VAL B 379 7.99 -12.25 21.43
C VAL B 379 7.50 -13.68 21.70
N TYR B 380 7.96 -14.62 20.90
CA TYR B 380 7.59 -16.03 21.09
C TYR B 380 8.84 -16.86 21.34
N ASP B 381 8.99 -17.35 22.56
CA ASP B 381 10.14 -18.16 22.93
C ASP B 381 9.97 -19.59 22.46
N LEU B 382 10.57 -19.95 21.34
CA LEU B 382 10.48 -21.31 20.85
C LEU B 382 11.88 -21.94 20.96
N ARG B 383 12.71 -21.41 21.86
CA ARG B 383 14.08 -21.89 22.05
C ARG B 383 14.35 -22.56 23.39
N THR B 384 14.20 -21.82 24.49
CA THR B 384 14.49 -22.39 25.79
C THR B 384 13.59 -23.56 26.12
N ASN B 385 14.21 -24.60 26.67
CA ASN B 385 13.51 -25.81 27.08
C ASN B 385 12.83 -26.49 25.91
N PRO B 387 13.16 -29.58 22.71
CA PRO B 387 13.75 -30.88 22.40
C PRO B 387 14.98 -30.74 21.52
N SER B 388 16.14 -31.21 22.00
CA SER B 388 17.39 -31.15 21.24
C SER B 388 17.24 -31.65 19.80
N PHE B 389 17.06 -30.74 18.85
CA PHE B 389 16.87 -31.13 17.46
C PHE B 389 18.11 -31.71 16.77
N GLY B 390 17.87 -32.63 15.85
CA GLY B 390 18.94 -33.27 15.11
C GLY B 390 18.33 -34.25 14.13
N LYS B 391 19.16 -35.07 13.48
CA LYS B 391 18.63 -36.04 12.52
C LYS B 391 17.75 -37.01 13.27
N ARG B 392 17.96 -37.10 14.58
CA ARG B 392 17.16 -37.97 15.43
C ARG B 392 15.86 -37.25 15.75
N THR B 393 16.00 -36.01 16.22
CA THR B 393 14.85 -35.17 16.57
C THR B 393 14.74 -34.07 15.51
N PRO B 394 14.03 -34.34 14.41
CA PRO B 394 13.84 -33.40 13.30
C PRO B 394 12.92 -32.24 13.64
N PHE B 395 13.23 -31.07 13.07
CA PHE B 395 12.44 -29.86 13.27
C PHE B 395 11.39 -29.85 12.15
N THR B 396 10.11 -29.97 12.53
CA THR B 396 9.04 -30.00 11.54
C THR B 396 8.07 -28.82 11.65
N ASP B 397 7.11 -28.79 10.74
CA ASP B 397 6.12 -27.73 10.71
C ASP B 397 5.28 -27.76 11.97
N GLU B 398 5.21 -28.93 12.60
CA GLU B 398 4.44 -29.10 13.81
C GLU B 398 4.96 -28.18 14.91
N HIS B 399 6.27 -27.98 14.95
CA HIS B 399 6.87 -27.14 15.98
C HIS B 399 6.55 -25.66 15.81
N LEU B 400 6.14 -25.29 14.61
CA LEU B 400 5.82 -23.89 14.32
C LEU B 400 4.32 -23.55 14.33
N GLN B 401 3.45 -24.55 14.30
CA GLN B 401 2.00 -24.32 14.30
C GLN B 401 1.48 -23.50 15.49
N PRO B 402 1.97 -23.75 16.71
CA PRO B 402 1.47 -22.97 17.85
C PRO B 402 1.75 -21.49 17.65
N PHE B 403 2.98 -21.18 17.26
CA PHE B 403 3.38 -19.81 17.04
C PHE B 403 2.55 -19.17 15.95
N GLU B 404 2.38 -19.87 14.83
CA GLU B 404 1.62 -19.29 13.76
C GLU B 404 0.15 -19.10 14.14
N ARG B 405 -0.33 -19.89 15.10
CA ARG B 405 -1.72 -19.73 15.54
C ARG B 405 -1.88 -18.42 16.30
N VAL B 406 -1.11 -18.23 17.36
CA VAL B 406 -1.18 -17.00 18.14
C VAL B 406 -0.83 -15.76 17.32
N TYR B 407 0.06 -15.93 16.35
CA TYR B 407 0.50 -14.84 15.47
C TYR B 407 -0.66 -14.06 14.85
N GLY B 408 -1.67 -14.79 14.36
CA GLY B 408 -2.81 -14.13 13.74
C GLY B 408 -2.83 -14.40 12.25
N GLU B 409 -3.94 -14.08 11.59
CA GLU B 409 -4.03 -14.31 10.15
C GLU B 409 -3.71 -13.06 9.33
N ASP B 410 -3.54 -11.95 10.03
CA ASP B 410 -3.20 -10.72 9.38
C ASP B 410 -1.70 -10.66 9.17
N PRO B 411 -1.26 -10.49 7.92
CA PRO B 411 0.16 -10.40 7.56
C PRO B 411 0.90 -9.23 8.17
N HIS B 412 0.17 -8.26 8.72
CA HIS B 412 0.80 -7.10 9.35
C HIS B 412 0.78 -7.26 10.86
N GLY B 413 0.47 -8.47 11.33
CA GLY B 413 0.44 -8.73 12.75
C GLY B 413 -0.53 -7.84 13.52
N LEU B 414 -1.66 -7.54 12.91
CA LEU B 414 -2.66 -6.71 13.54
C LEU B 414 -3.86 -7.52 13.99
N SER B 415 -3.82 -8.83 13.82
CA SER B 415 -4.91 -9.65 14.29
C SER B 415 -4.90 -9.59 15.81
N PRO B 416 -6.08 -9.67 16.44
CA PRO B 416 -6.11 -9.61 17.91
C PRO B 416 -5.20 -10.67 18.54
N ARG B 417 -4.44 -10.26 19.55
CA ARG B 417 -3.51 -11.13 20.27
C ARG B 417 -3.67 -11.00 21.78
N THR B 418 -3.43 -12.09 22.49
CA THR B 418 -3.53 -12.11 23.94
C THR B 418 -2.42 -13.00 24.48
N GLU B 419 -1.59 -12.45 25.36
CA GLU B 419 -0.50 -13.24 25.93
C GLU B 419 -1.04 -14.56 26.44
N GLY B 420 -0.26 -15.62 26.30
CA GLY B 420 -0.72 -16.90 26.78
C GLY B 420 -0.56 -18.05 25.81
N GLU B 421 0.55 -18.75 25.94
CA GLU B 421 0.80 -19.90 25.10
C GLU B 421 1.78 -20.78 25.86
N TRP B 422 1.34 -21.98 26.21
CA TRP B 422 2.19 -22.88 26.98
C TRP B 422 2.46 -24.20 26.32
N SER B 423 3.02 -24.17 25.12
CA SER B 423 3.33 -25.42 24.43
C SER B 423 4.68 -25.96 24.86
N PHE B 424 5.08 -27.06 24.25
CA PHE B 424 6.36 -27.71 24.56
C PHE B 424 6.77 -27.64 26.02
N ASN B 425 5.84 -28.00 26.91
CA ASN B 425 6.10 -27.99 28.35
C ASN B 425 6.57 -26.66 28.85
N ALA B 426 5.82 -25.62 28.51
CA ALA B 426 6.18 -24.28 28.95
C ALA B 426 5.95 -24.12 30.45
N GLU B 427 4.96 -24.84 30.96
CA GLU B 427 4.62 -24.77 32.38
C GLU B 427 5.64 -25.43 33.28
N GLU B 428 6.43 -26.35 32.72
CA GLU B 428 7.47 -27.04 33.48
C GLU B 428 8.85 -26.42 33.29
N THR B 429 8.89 -25.26 32.65
CA THR B 429 10.16 -24.58 32.40
C THR B 429 10.46 -23.61 33.53
N GLU B 430 11.74 -23.50 33.87
CA GLU B 430 12.18 -22.60 34.94
C GLU B 430 12.06 -21.14 34.51
N VAL B 431 11.41 -20.34 35.35
CA VAL B 431 11.21 -18.92 35.08
C VAL B 431 12.43 -18.10 35.54
N ALA B 432 12.91 -17.20 34.70
CA ALA B 432 14.06 -16.36 35.06
C ALA B 432 13.62 -15.15 35.85
N ASP B 433 14.52 -14.68 36.73
CA ASP B 433 14.24 -13.51 37.54
C ASP B 433 14.89 -12.30 36.86
N SER B 434 14.10 -11.57 36.09
CA SER B 434 14.61 -10.40 35.38
C SER B 434 13.50 -9.41 35.14
N GLU B 435 13.87 -8.22 34.67
CA GLU B 435 12.88 -7.18 34.41
C GLU B 435 11.66 -7.69 33.67
N GLU B 436 11.89 -8.60 32.73
CA GLU B 436 10.79 -9.13 31.94
C GLU B 436 9.70 -9.76 32.82
N ASN B 437 10.09 -10.51 33.83
CA ASN B 437 9.12 -11.16 34.70
C ASN B 437 8.73 -10.35 35.94
N LYS B 438 9.14 -9.11 35.99
CA LYS B 438 8.82 -8.26 37.13
C LYS B 438 7.33 -7.96 37.17
N ASN B 439 6.71 -8.16 38.33
CA ASN B 439 5.28 -7.90 38.50
C ASN B 439 4.44 -8.80 37.59
N THR B 440 4.97 -9.98 37.27
CA THR B 440 4.26 -10.91 36.39
C THR B 440 3.79 -12.14 37.17
N ASP B 441 2.52 -12.50 37.00
CA ASP B 441 1.96 -13.65 37.70
C ASP B 441 2.54 -14.97 37.22
N GLN B 442 2.48 -15.95 38.10
CA GLN B 442 2.98 -17.29 37.85
C GLN B 442 2.66 -17.86 36.47
N HIS B 443 1.41 -17.75 36.05
CA HIS B 443 0.98 -18.31 34.78
C HIS B 443 1.64 -17.66 33.54
N LEU B 444 1.67 -16.34 33.52
CA LEU B 444 2.24 -15.60 32.41
C LEU B 444 3.76 -15.77 32.31
N ALA B 445 4.44 -15.77 33.45
CA ALA B 445 5.89 -15.91 33.49
C ALA B 445 6.37 -17.22 32.90
N THR B 446 5.45 -18.11 32.55
CA THR B 446 5.86 -19.38 31.98
C THR B 446 5.37 -19.51 30.56
N SER B 447 4.69 -18.48 30.08
CA SER B 447 4.16 -18.47 28.71
C SER B 447 5.26 -18.22 27.69
N ARG B 448 5.17 -18.89 26.55
CA ARG B 448 6.15 -18.70 25.49
C ARG B 448 5.74 -17.50 24.63
N TRP B 449 4.52 -16.99 24.85
CA TRP B 449 3.98 -15.86 24.11
C TRP B 449 3.72 -14.68 25.05
N ARG B 450 4.53 -13.63 24.91
CA ARG B 450 4.42 -12.44 25.74
C ARG B 450 4.68 -11.14 24.99
N LYS B 451 4.05 -10.05 25.42
CA LYS B 451 4.22 -8.75 24.76
C LYS B 451 4.98 -7.78 25.65
N PHE B 452 5.73 -6.88 25.01
CA PHE B 452 6.50 -5.88 25.74
C PHE B 452 6.35 -4.52 25.07
N SER B 453 6.17 -3.49 25.88
CA SER B 453 5.98 -2.14 25.36
C SER B 453 7.25 -1.46 24.89
N ARG B 454 7.08 -0.46 24.04
CA ARG B 454 8.21 0.28 23.51
C ARG B 454 8.93 1.02 24.65
N GLU B 455 8.16 1.61 25.55
CA GLU B 455 8.75 2.33 26.66
C GLU B 455 9.51 1.36 27.56
N TRP B 456 9.00 0.15 27.70
CA TRP B 456 9.68 -0.83 28.54
C TRP B 456 11.01 -1.18 27.88
N ILE B 457 10.99 -1.53 26.61
CA ILE B 457 12.22 -1.87 25.90
C ILE B 457 13.21 -0.73 26.02
N ARG B 458 12.72 0.50 25.92
CA ARG B 458 13.58 1.67 26.00
C ARG B 458 14.25 1.78 27.37
N THR B 459 13.42 1.74 28.41
CA THR B 459 13.86 1.84 29.80
C THR B 459 14.62 0.63 30.33
N ALA B 460 13.86 -0.41 30.66
CA ALA B 460 14.42 -1.64 31.21
C ALA B 460 15.51 -2.21 30.32
N LYS B 461 15.17 -2.45 29.06
CA LYS B 461 16.14 -3.04 28.15
C LYS B 461 17.14 -2.11 27.48
N SER B 462 17.02 -0.82 27.74
CA SER B 462 17.94 0.15 27.13
C SER B 462 18.00 -0.09 25.63
N ASP B 463 16.82 -0.28 25.04
CA ASP B 463 16.71 -0.51 23.62
C ASP B 463 17.51 -1.71 23.10
N SER B 464 17.23 -2.86 23.71
CA SER B 464 17.85 -4.10 23.31
C SER B 464 16.69 -5.02 23.07
N LEU B 465 16.75 -5.80 22.00
CA LEU B 465 15.66 -6.71 21.71
C LEU B 465 15.98 -8.14 22.11
N ASP B 466 17.03 -8.31 22.90
CA ASP B 466 17.41 -9.63 23.36
C ASP B 466 16.56 -9.92 24.58
N ILE B 467 15.25 -10.04 24.36
CA ILE B 467 14.26 -10.26 25.40
C ILE B 467 14.04 -11.73 25.70
N SER B 468 14.26 -12.09 26.95
CA SER B 468 14.12 -13.47 27.40
C SER B 468 13.61 -13.50 28.82
N TRP B 469 12.72 -14.45 29.13
CA TRP B 469 12.18 -14.54 30.47
C TRP B 469 12.02 -16.00 30.91
N LEU B 470 12.82 -16.89 30.35
CA LEU B 470 12.78 -18.28 30.72
C LEU B 470 14.19 -18.80 30.87
N LYS B 471 14.46 -19.52 31.95
CA LYS B 471 15.78 -20.09 32.20
C LYS B 471 15.80 -21.53 31.75
N ASP B 472 16.87 -21.93 31.08
CA ASP B 472 16.99 -23.30 30.60
C ASP B 472 17.55 -24.15 31.74
N LYS B 473 17.27 -25.45 31.69
CA LYS B 473 17.70 -26.42 32.70
C LYS B 473 19.22 -26.44 32.90
N ASP B 474 19.65 -26.85 34.09
CA ASP B 474 21.07 -26.93 34.44
C ASP B 474 21.74 -28.16 33.84
N PRO B 482 33.43 -24.50 33.07
CA PRO B 482 34.18 -23.27 32.80
C PRO B 482 33.46 -22.02 33.33
N GLU B 483 33.88 -20.85 32.86
CA GLU B 483 33.29 -19.59 33.27
C GLU B 483 33.93 -18.45 32.49
N PRO B 484 33.10 -17.56 31.93
CA PRO B 484 33.58 -16.41 31.16
C PRO B 484 34.75 -15.68 31.81
N ASP B 485 34.50 -14.99 32.92
CA ASP B 485 35.54 -14.23 33.61
C ASP B 485 36.74 -15.09 33.97
N VAL B 486 36.52 -16.40 34.01
CA VAL B 486 37.57 -17.35 34.35
C VAL B 486 38.35 -17.75 33.12
N LEU B 487 37.63 -18.03 32.03
CA LEU B 487 38.28 -18.41 30.79
C LEU B 487 39.03 -17.23 30.20
N ALA B 488 38.40 -16.06 30.27
CA ALA B 488 38.99 -14.84 29.75
C ALA B 488 40.29 -14.57 30.49
N ALA B 489 40.25 -14.74 31.81
CA ALA B 489 41.43 -14.50 32.64
C ALA B 489 42.59 -15.39 32.23
N GLU B 490 42.36 -16.70 32.21
CA GLU B 490 43.43 -17.60 31.82
C GLU B 490 43.89 -17.29 30.40
N ALA B 491 42.92 -16.97 29.54
CA ALA B 491 43.21 -16.66 28.14
C ALA B 491 44.17 -15.47 28.04
N GLY B 493 46.25 -14.43 30.14
CA GLY B 493 47.58 -14.78 30.59
C GLY B 493 48.43 -15.20 29.41
N GLU B 494 47.85 -16.05 28.57
CA GLU B 494 48.54 -16.55 27.39
C GLU B 494 48.79 -15.49 26.34
N LEU B 495 47.78 -14.68 26.03
CA LEU B 495 47.95 -13.62 25.05
C LEU B 495 49.12 -12.73 25.45
N VAL B 496 49.20 -12.44 26.74
CA VAL B 496 50.25 -11.60 27.27
C VAL B 496 51.60 -12.26 27.05
N GLN B 497 51.62 -13.57 27.26
CA GLN B 497 52.81 -14.38 27.07
C GLN B 497 53.20 -14.31 25.59
N ALA B 498 52.22 -14.56 24.73
CA ALA B 498 52.42 -14.52 23.28
C ALA B 498 52.89 -13.14 22.86
N LEU B 499 52.19 -12.11 23.33
CA LEU B 499 52.53 -10.74 22.98
C LEU B 499 53.98 -10.39 23.29
N SER B 500 54.49 -10.87 24.42
CA SER B 500 55.87 -10.59 24.80
C SER B 500 56.82 -11.21 23.78
N GLU B 501 56.66 -12.51 23.57
CA GLU B 501 57.48 -13.24 22.62
C GLU B 501 57.44 -12.53 21.28
N LEU B 502 56.24 -12.17 20.84
CA LEU B 502 56.06 -11.49 19.58
C LEU B 502 56.85 -10.18 19.53
N ASP B 503 56.87 -9.47 20.65
CA ASP B 503 57.59 -8.21 20.71
C ASP B 503 59.08 -8.47 20.49
N ALA B 504 59.61 -9.46 21.21
CA ALA B 504 61.03 -9.83 21.10
C ALA B 504 61.45 -9.92 19.64
N LEU B 505 60.66 -10.65 18.84
CA LEU B 505 60.96 -10.78 17.43
C LEU B 505 61.18 -9.41 16.80
N ARG B 507 61.80 -6.29 18.95
CA ARG B 507 62.80 -5.65 19.80
C ARG B 507 64.19 -6.18 19.44
N GLU B 508 64.23 -7.46 19.11
CA GLU B 508 65.48 -8.12 18.76
C GLU B 508 65.65 -8.30 17.26
N LEU B 509 64.92 -7.52 16.47
CA LEU B 509 65.04 -7.60 15.03
C LEU B 509 66.06 -6.53 14.63
N GLY B 510 67.28 -6.68 15.16
CA GLY B 510 68.37 -5.74 14.91
C GLY B 510 68.87 -5.60 13.48
N ALA B 511 68.65 -4.41 12.91
CA ALA B 511 69.03 -4.02 11.54
C ALA B 511 68.39 -4.82 10.38
N SER B 512 68.75 -4.45 9.16
CA SER B 512 68.24 -5.13 7.98
C SER B 512 69.38 -5.79 7.23
N ASP B 513 70.47 -5.04 7.03
CA ASP B 513 71.65 -5.54 6.33
C ASP B 513 72.20 -6.81 6.99
N GLU B 514 71.97 -6.93 8.30
CA GLU B 514 72.42 -8.08 9.08
C GLU B 514 71.34 -9.16 9.14
N ALA B 515 70.13 -8.79 8.77
CA ALA B 515 69.00 -9.71 8.78
C ALA B 515 68.75 -10.38 7.41
N ASP B 516 67.89 -9.78 6.59
CA ASP B 516 67.52 -10.34 5.26
C ASP B 516 68.67 -10.81 4.38
N LEU B 517 69.86 -10.26 4.61
CA LEU B 517 71.05 -10.60 3.84
C LEU B 517 71.60 -11.98 4.22
N GLN B 518 71.54 -12.34 5.51
CA GLN B 518 72.04 -13.63 5.98
C GLN B 518 70.92 -14.55 6.50
N ARG B 519 69.67 -14.09 6.34
CA ARG B 519 68.50 -14.85 6.78
C ARG B 519 68.02 -15.81 5.69
N GLN B 520 67.74 -15.26 4.52
CA GLN B 520 67.26 -16.06 3.38
C GLN B 520 68.30 -17.09 2.93
N LEU B 521 69.48 -17.05 3.52
CA LEU B 521 70.58 -17.97 3.19
C LEU B 521 70.19 -19.43 3.45
N LEU B 522 68.97 -19.63 3.93
CA LEU B 522 68.45 -20.96 4.23
C LEU B 522 68.09 -21.70 2.93
N GLU B 523 69.09 -22.40 2.40
CA GLU B 523 68.95 -23.16 1.16
C GLU B 523 68.56 -24.60 1.53
N GLU B 524 68.98 -25.00 2.74
CA GLU B 524 68.70 -26.33 3.27
C GLU B 524 67.20 -26.62 3.23
N ALA B 525 66.40 -25.58 3.00
CA ALA B 525 64.94 -25.72 2.92
C ALA B 525 64.63 -26.71 1.81
N PHE B 526 63.98 -27.82 2.19
CA PHE B 526 63.64 -28.88 1.24
C PHE B 526 62.80 -29.94 1.94
N GLY B 527 62.52 -31.03 1.23
CA GLY B 527 61.74 -32.10 1.82
C GLY B 527 62.62 -33.11 2.54
#